data_8SMS
#
_entry.id   8SMS
#
_cell.length_a   59.030
_cell.length_b   100.230
_cell.length_c   78.310
_cell.angle_alpha   90.00
_cell.angle_beta   109.34
_cell.angle_gamma   90.00
#
_symmetry.space_group_name_H-M   'P 1 21 1'
#
loop_
_entity.id
_entity.type
_entity.pdbx_description
1 polymer '3-oxoacyl-[acyl-carrier-protein] synthase 1'
2 polymer 'Acyl carrier protein'
3 non-polymer N~3~-[(2R)-2-hydroxy-3,3-dimethyl-4-(phosphonooxy)butanoyl]-N-{2-[(2R)-2-hydroxy-4-oxododecanamido]ethyl}-beta-alaninamide
4 water water
#
loop_
_entity_poly.entity_id
_entity_poly.type
_entity_poly.pdbx_seq_one_letter_code
_entity_poly.pdbx_strand_id
1 'polypeptide(L)'
;VSKRAVITGLGIVSSIGNNQQEVLASLREGRSGITFSQELKDSGMRSHVWGNVKLDTTGLIDRKVVRFMSDASIYAFLSM
EQAIADAGLSPEAYQNNPRVGLIAGSGGGSPRFQVFGADAMRGPRGLKAVGPYVVTKAMASGVSACLATPFKIHGVNYSI
SSACATSAHCIGNAVEQIQLGKQDIVFAGGGEELCWEMACEFDAMGALSTKYNDTPEKASRTYDAHRDGFVIAGGGGMVV
VEELEHALARGAHIYAEIVGYGATSDGADMVAPSGEGAVRCMKMAMHGVDTPIDYLNSHGTSTPVGDVKELAAIREVFGD
KSPAISATKAMTGHSLGAAGVQEAIYSLLMLEHGFIAPSINIEELDEQAAGLNIVTETTDRELTTVMSNSFGFGGTNATL
VMRKLK
;
A,B
2 'polypeptide(L)' STIEERVKKIIGEQLGVKQEEVTNNASFVEDLGADSLDTVELVMALEEEFDTEIPDEEAEKITTVQAAIDYINGHQA C,D
#
loop_
_chem_comp.id
_chem_comp.type
_chem_comp.name
_chem_comp.formula
G7U non-polymer N~3~-[(2R)-2-hydroxy-3,3-dimethyl-4-(phosphonooxy)butanoyl]-N-{2-[(2R)-2-hydroxy-4-oxododecanamido]ethyl}-beta-alaninamide 'C23 H44 N3 O10 P'
#
# COMPACT_ATOMS: atom_id res chain seq x y z
N VAL A 1 11.47 1.73 23.74
CA VAL A 1 10.90 0.43 24.07
C VAL A 1 10.40 0.47 25.52
N SER A 2 9.99 1.65 26.00
CA SER A 2 9.63 1.79 27.41
C SER A 2 8.23 2.36 27.67
N LYS A 3 7.71 3.26 26.82
CA LYS A 3 6.36 3.78 27.04
C LYS A 3 5.31 2.68 26.89
N ARG A 4 4.21 2.83 27.62
CA ARG A 4 3.09 1.89 27.57
C ARG A 4 1.93 2.49 26.78
N ALA A 5 1.21 1.65 26.04
CA ALA A 5 0.22 2.12 25.08
C ALA A 5 -1.15 1.52 25.37
N VAL A 6 -2.19 2.35 25.33
CA VAL A 6 -3.54 1.91 25.65
C VAL A 6 -4.45 2.36 24.50
N ILE A 7 -5.60 1.70 24.42
CA ILE A 7 -6.68 2.09 23.50
C ILE A 7 -7.64 2.97 24.28
N THR A 8 -7.83 4.20 23.82
CA THR A 8 -8.72 5.13 24.50
C THR A 8 -9.95 5.48 23.67
N GLY A 9 -10.09 4.91 22.50
CA GLY A 9 -11.29 5.16 21.73
C GLY A 9 -11.32 4.26 20.53
N LEU A 10 -12.53 3.99 20.04
CA LEU A 10 -12.61 3.14 18.87
C LEU A 10 -13.82 3.54 18.05
N GLY A 11 -13.81 3.15 16.76
CA GLY A 11 -14.93 3.35 15.85
C GLY A 11 -14.87 2.27 14.77
N ILE A 12 -16.02 1.99 14.15
CA ILE A 12 -16.11 0.81 13.30
C ILE A 12 -17.31 0.96 12.39
N VAL A 13 -17.12 0.55 11.14
CA VAL A 13 -18.21 0.37 10.18
C VAL A 13 -18.02 -1.00 9.56
N SER A 14 -19.00 -1.88 9.79
CA SER A 14 -18.81 -3.32 9.69
C SER A 14 -20.06 -3.94 9.08
N SER A 15 -19.90 -5.17 8.56
CA SER A 15 -21.07 -5.87 8.04
C SER A 15 -22.07 -6.20 9.13
N ILE A 16 -21.68 -6.13 10.40
CA ILE A 16 -22.57 -6.45 11.50
C ILE A 16 -22.89 -5.23 12.33
N GLY A 17 -22.62 -4.03 11.83
CA GLY A 17 -22.99 -2.87 12.60
C GLY A 17 -22.31 -1.61 12.14
N ASN A 18 -23.01 -0.47 12.17
CA ASN A 18 -22.42 0.80 11.73
C ASN A 18 -21.78 1.60 12.88
N ASN A 19 -21.76 1.05 14.08
CA ASN A 19 -21.02 1.64 15.22
C ASN A 19 -20.81 0.54 16.25
N GLN A 20 -20.18 0.88 17.38
CA GLN A 20 -19.82 -0.18 18.33
C GLN A 20 -21.03 -0.70 19.08
N GLN A 21 -22.05 0.12 19.30
CA GLN A 21 -23.24 -0.38 19.97
C GLN A 21 -23.94 -1.44 19.11
N GLU A 22 -24.15 -1.13 17.80
CA GLU A 22 -24.72 -2.13 16.91
C GLU A 22 -23.81 -3.36 16.80
N VAL A 23 -22.50 -3.15 16.69
CA VAL A 23 -21.56 -4.27 16.64
C VAL A 23 -21.65 -5.10 17.91
N LEU A 24 -21.78 -4.45 19.06
CA LEU A 24 -21.89 -5.22 20.31
C LEU A 24 -23.10 -6.12 20.29
N ALA A 25 -24.24 -5.61 19.79
CA ALA A 25 -25.48 -6.37 19.80
C ALA A 25 -25.38 -7.58 18.88
N SER A 26 -24.83 -7.38 17.68
CA SER A 26 -24.62 -8.50 16.77
C SER A 26 -23.67 -9.51 17.39
N LEU A 27 -22.61 -9.06 18.00
CA LEU A 27 -21.66 -10.00 18.56
C LEU A 27 -22.29 -10.90 19.63
N ARG A 28 -23.15 -10.33 20.44
N ARG A 28 -23.15 -10.32 20.45
CA ARG A 28 -23.77 -11.09 21.51
CA ARG A 28 -23.78 -11.10 21.51
C ARG A 28 -24.83 -12.05 21.00
C ARG A 28 -24.83 -12.05 21.00
N GLU A 29 -25.50 -11.67 19.91
CA GLU A 29 -26.55 -12.50 19.37
C GLU A 29 -26.03 -13.51 18.37
N GLY A 30 -24.77 -13.39 18.03
CA GLY A 30 -24.28 -14.26 16.98
C GLY A 30 -24.91 -13.95 15.65
N ARG A 31 -25.21 -12.69 15.39
CA ARG A 31 -25.94 -12.30 14.20
C ARG A 31 -25.02 -12.28 12.98
N SER A 32 -25.49 -12.83 11.85
CA SER A 32 -24.71 -12.83 10.63
C SER A 32 -24.81 -11.49 9.91
N GLY A 33 -23.72 -11.04 9.30
CA GLY A 33 -23.75 -9.87 8.44
C GLY A 33 -23.69 -10.19 6.97
N ILE A 34 -23.83 -11.45 6.60
CA ILE A 34 -23.60 -11.87 5.23
C ILE A 34 -24.92 -11.81 4.48
N THR A 35 -24.90 -11.29 3.26
CA THR A 35 -26.10 -11.21 2.43
C THR A 35 -25.76 -11.71 1.03
N PHE A 36 -26.82 -11.96 0.27
CA PHE A 36 -26.65 -12.26 -1.14
C PHE A 36 -26.25 -11.01 -1.90
N SER A 37 -25.44 -11.17 -2.94
CA SER A 37 -24.90 -10.04 -3.69
C SER A 37 -25.31 -10.14 -5.16
N GLN A 38 -26.17 -9.22 -5.60
CA GLN A 38 -26.47 -9.08 -7.02
C GLN A 38 -25.20 -8.78 -7.80
N GLU A 39 -24.43 -7.78 -7.36
CA GLU A 39 -23.23 -7.37 -8.07
C GLU A 39 -22.30 -8.54 -8.36
N LEU A 40 -21.95 -9.31 -7.34
CA LEU A 40 -21.05 -10.43 -7.52
C LEU A 40 -21.61 -11.44 -8.54
N LYS A 41 -22.87 -11.85 -8.35
CA LYS A 41 -23.47 -12.78 -9.31
C LYS A 41 -23.44 -12.22 -10.72
N ASP A 42 -23.78 -10.94 -10.87
CA ASP A 42 -23.82 -10.31 -12.18
C ASP A 42 -22.46 -10.32 -12.86
N SER A 43 -21.38 -10.31 -12.09
CA SER A 43 -20.07 -10.15 -12.70
C SER A 43 -19.60 -11.40 -13.44
N GLY A 44 -20.23 -12.54 -13.20
CA GLY A 44 -19.77 -13.83 -13.69
C GLY A 44 -19.23 -14.73 -12.60
N MET A 45 -19.26 -14.26 -11.36
CA MET A 45 -18.54 -14.83 -10.23
C MET A 45 -19.29 -16.04 -9.70
N ARG A 46 -18.56 -17.01 -9.15
CA ARG A 46 -19.21 -18.17 -8.55
C ARG A 46 -19.66 -17.90 -7.12
N SER A 47 -19.06 -16.93 -6.46
CA SER A 47 -19.40 -16.58 -5.09
C SER A 47 -20.40 -15.42 -5.13
N HIS A 48 -21.62 -15.66 -4.63
CA HIS A 48 -22.68 -14.67 -4.67
C HIS A 48 -23.06 -14.15 -3.29
N VAL A 49 -22.13 -14.13 -2.35
CA VAL A 49 -22.41 -13.72 -0.99
C VAL A 49 -21.32 -12.77 -0.54
N TRP A 50 -21.68 -11.79 0.28
CA TRP A 50 -20.66 -10.88 0.77
C TRP A 50 -21.08 -10.26 2.11
N GLY A 51 -20.10 -9.66 2.77
CA GLY A 51 -20.37 -8.92 3.99
C GLY A 51 -20.39 -7.46 3.64
N ASN A 52 -21.57 -6.98 3.25
CA ASN A 52 -21.73 -5.60 2.87
C ASN A 52 -21.96 -4.75 4.11
N VAL A 53 -21.51 -3.50 4.00
CA VAL A 53 -21.80 -2.45 4.96
C VAL A 53 -23.18 -1.89 4.66
N LYS A 54 -24.09 -1.99 5.63
CA LYS A 54 -25.49 -1.63 5.43
C LYS A 54 -25.71 -0.20 5.88
N LEU A 55 -25.24 0.73 5.04
CA LEU A 55 -25.22 2.14 5.46
C LEU A 55 -25.28 3.03 4.23
N ASP A 56 -26.23 3.95 4.22
CA ASP A 56 -26.27 5.01 3.24
C ASP A 56 -25.31 6.11 3.67
N THR A 57 -24.22 6.28 2.94
CA THR A 57 -23.21 7.26 3.32
C THR A 57 -23.46 8.63 2.69
N THR A 58 -24.58 8.82 1.98
CA THR A 58 -24.89 10.08 1.33
C THR A 58 -24.82 11.25 2.31
N GLY A 59 -23.89 12.16 2.08
CA GLY A 59 -23.83 13.37 2.86
C GLY A 59 -23.08 13.27 4.17
N LEU A 60 -22.55 12.10 4.53
CA LEU A 60 -21.86 12.00 5.81
C LEU A 60 -20.52 12.75 5.83
N ILE A 61 -19.91 13.00 4.67
CA ILE A 61 -18.60 13.63 4.62
C ILE A 61 -18.66 14.87 3.75
N ASP A 62 -18.01 15.94 4.22
CA ASP A 62 -17.92 17.19 3.48
C ASP A 62 -17.53 16.93 2.02
N ARG A 63 -18.10 17.72 1.11
CA ARG A 63 -17.85 17.53 -0.31
C ARG A 63 -16.38 17.72 -0.66
N LYS A 64 -15.75 18.74 -0.07
CA LYS A 64 -14.36 19.01 -0.40
C LYS A 64 -13.43 17.93 0.14
N VAL A 65 -13.93 17.06 1.01
CA VAL A 65 -13.13 15.99 1.59
C VAL A 65 -13.37 14.68 0.86
N VAL A 66 -14.64 14.35 0.60
CA VAL A 66 -14.96 13.05 0.05
C VAL A 66 -14.61 12.95 -1.43
N ARG A 67 -14.31 14.07 -2.08
CA ARG A 67 -14.02 14.02 -3.51
C ARG A 67 -12.76 13.22 -3.81
N PHE A 68 -11.86 13.11 -2.85
CA PHE A 68 -10.60 12.39 -2.97
C PHE A 68 -10.68 10.91 -2.63
N MET A 69 -11.83 10.38 -2.20
CA MET A 69 -11.87 9.15 -1.43
C MET A 69 -12.49 8.00 -2.20
N SER A 70 -11.84 6.83 -2.13
CA SER A 70 -12.52 5.60 -2.44
C SER A 70 -13.30 5.14 -1.21
N ASP A 71 -14.09 4.07 -1.38
CA ASP A 71 -14.89 3.52 -0.27
C ASP A 71 -14.02 3.17 0.94
N ALA A 72 -12.88 2.51 0.71
CA ALA A 72 -11.98 2.18 1.82
C ALA A 72 -11.70 3.41 2.67
N SER A 73 -11.37 4.54 2.04
CA SER A 73 -11.13 5.77 2.78
C SER A 73 -12.41 6.26 3.46
N ILE A 74 -13.58 6.06 2.81
CA ILE A 74 -14.83 6.50 3.40
C ILE A 74 -15.09 5.75 4.71
N TYR A 75 -15.00 4.41 4.67
CA TYR A 75 -15.26 3.62 5.86
C TYR A 75 -14.32 3.99 6.99
N ALA A 76 -13.05 4.21 6.67
CA ALA A 76 -12.07 4.52 7.70
C ALA A 76 -12.30 5.92 8.26
N PHE A 77 -12.69 6.85 7.39
CA PHE A 77 -12.99 8.21 7.84
C PHE A 77 -14.16 8.20 8.81
N LEU A 78 -15.24 7.49 8.46
CA LEU A 78 -16.38 7.41 9.36
C LEU A 78 -16.00 6.72 10.67
N SER A 79 -15.13 5.69 10.58
CA SER A 79 -14.66 5.00 11.78
C SER A 79 -13.83 5.94 12.63
N MET A 80 -12.97 6.75 12.00
CA MET A 80 -12.18 7.71 12.76
C MET A 80 -13.04 8.77 13.44
N GLU A 81 -14.06 9.29 12.74
CA GLU A 81 -14.97 10.22 13.41
C GLU A 81 -15.50 9.60 14.69
N GLN A 82 -16.02 8.37 14.60
CA GLN A 82 -16.52 7.68 15.78
C GLN A 82 -15.44 7.61 16.86
N ALA A 83 -14.23 7.24 16.47
CA ALA A 83 -13.20 6.99 17.48
C ALA A 83 -12.74 8.26 18.17
N ILE A 84 -12.67 9.36 17.43
CA ILE A 84 -12.30 10.65 18.05
C ILE A 84 -13.34 11.04 19.09
N ALA A 85 -14.64 10.91 18.74
CA ALA A 85 -15.69 11.23 19.71
C ALA A 85 -15.62 10.29 20.91
N ASP A 86 -15.42 8.99 20.64
CA ASP A 86 -15.37 8.01 21.70
C ASP A 86 -14.18 8.22 22.60
N ALA A 87 -13.08 8.77 22.09
CA ALA A 87 -11.94 9.09 22.92
C ALA A 87 -12.08 10.39 23.69
N GLY A 88 -13.13 11.17 23.43
CA GLY A 88 -13.32 12.43 24.10
C GLY A 88 -12.38 13.51 23.63
N LEU A 89 -11.95 13.44 22.38
CA LEU A 89 -10.93 14.32 21.83
C LEU A 89 -11.57 15.45 21.02
N SER A 90 -11.07 16.65 21.21
CA SER A 90 -11.52 17.81 20.49
C SER A 90 -10.41 18.35 19.58
N PRO A 91 -10.77 19.12 18.56
CA PRO A 91 -9.76 19.56 17.57
C PRO A 91 -8.56 20.20 18.21
N GLU A 92 -8.79 20.98 19.25
CA GLU A 92 -7.71 21.68 19.94
C GLU A 92 -6.69 20.71 20.51
N ALA A 93 -7.10 19.48 20.78
CA ALA A 93 -6.21 18.51 21.39
C ALA A 93 -5.45 17.68 20.36
N TYR A 94 -6.03 17.39 19.21
CA TYR A 94 -5.44 16.44 18.30
C TYR A 94 -5.04 17.03 16.97
N GLN A 95 -5.58 18.19 16.59
CA GLN A 95 -5.31 18.78 15.28
C GLN A 95 -4.09 19.69 15.37
N ASN A 96 -3.39 19.84 14.24
CA ASN A 96 -2.21 20.70 14.16
C ASN A 96 -1.21 20.38 15.27
N ASN A 97 -1.13 19.10 15.63
CA ASN A 97 -0.39 18.66 16.80
C ASN A 97 0.66 17.66 16.34
N PRO A 98 1.95 17.99 16.45
CA PRO A 98 2.98 17.11 15.90
C PRO A 98 3.12 15.82 16.67
N ARG A 99 2.51 15.70 17.84
CA ARG A 99 2.64 14.50 18.63
C ARG A 99 1.49 13.55 18.38
N VAL A 100 0.69 13.81 17.35
CA VAL A 100 -0.49 13.03 17.03
C VAL A 100 -0.35 12.58 15.59
N GLY A 101 -0.35 11.25 15.39
CA GLY A 101 -0.17 10.67 14.08
C GLY A 101 -1.28 9.73 13.67
N LEU A 102 -1.12 9.15 12.49
CA LEU A 102 -2.11 8.28 11.89
C LEU A 102 -1.39 7.21 11.09
N ILE A 103 -1.68 5.94 11.37
CA ILE A 103 -1.19 4.83 10.57
C ILE A 103 -2.39 3.98 10.21
N ALA A 104 -2.73 3.92 8.92
CA ALA A 104 -3.96 3.24 8.56
C ALA A 104 -3.85 2.83 7.09
N GLY A 105 -4.28 1.61 6.77
CA GLY A 105 -4.05 1.08 5.44
C GLY A 105 -5.22 0.31 4.86
N SER A 106 -5.04 -0.12 3.62
N SER A 106 -5.04 -0.11 3.61
CA SER A 106 -5.97 -1.03 2.97
CA SER A 106 -5.97 -0.98 2.89
C SER A 106 -5.17 -2.17 2.36
C SER A 106 -5.17 -2.14 2.30
N GLY A 107 -5.85 -3.27 2.06
CA GLY A 107 -5.17 -4.38 1.42
C GLY A 107 -4.89 -4.12 -0.04
N GLY A 108 -5.78 -3.39 -0.71
CA GLY A 108 -5.64 -3.23 -2.14
C GLY A 108 -5.98 -1.88 -2.77
N GLY A 109 -5.90 -0.79 -2.00
CA GLY A 109 -6.13 0.54 -2.56
C GLY A 109 -7.57 0.67 -3.01
N SER A 110 -7.79 0.97 -4.28
CA SER A 110 -9.12 0.89 -4.87
C SER A 110 -9.07 0.21 -6.23
N PRO A 111 -9.24 -1.11 -6.26
CA PRO A 111 -9.41 -1.78 -7.56
C PRO A 111 -10.54 -1.20 -8.39
N ARG A 112 -11.66 -0.83 -7.76
N ARG A 112 -11.67 -0.85 -7.76
CA ARG A 112 -12.78 -0.29 -8.54
CA ARG A 112 -12.78 -0.28 -8.51
C ARG A 112 -12.38 0.98 -9.27
C ARG A 112 -12.33 0.95 -9.29
N PHE A 113 -11.61 1.85 -8.63
CA PHE A 113 -11.24 3.12 -9.25
C PHE A 113 -9.99 3.02 -10.12
N GLN A 114 -9.20 1.98 -9.99
CA GLN A 114 -8.13 1.83 -10.97
C GLN A 114 -8.73 1.34 -12.29
N VAL A 115 -9.72 0.45 -12.20
CA VAL A 115 -10.44 0.03 -13.39
C VAL A 115 -11.29 1.16 -13.93
N PHE A 116 -11.80 2.02 -13.06
CA PHE A 116 -12.51 3.21 -13.52
C PHE A 116 -11.63 4.05 -14.42
N GLY A 117 -10.55 4.60 -13.88
CA GLY A 117 -9.68 5.49 -14.62
C GLY A 117 -9.13 4.90 -15.90
N ALA A 118 -9.07 3.57 -15.99
CA ALA A 118 -8.65 2.88 -17.20
C ALA A 118 -9.81 2.67 -18.17
N ASP A 119 -10.99 2.34 -17.64
CA ASP A 119 -12.18 2.23 -18.48
C ASP A 119 -12.50 3.58 -19.12
N ALA A 120 -12.24 4.67 -18.40
CA ALA A 120 -12.53 6.00 -18.91
C ALA A 120 -11.54 6.40 -19.99
N MET A 121 -10.25 6.29 -19.66
CA MET A 121 -9.18 6.68 -20.58
C MET A 121 -9.39 6.05 -21.94
N ARG A 122 -9.75 4.77 -21.96
CA ARG A 122 -9.97 4.03 -23.19
C ARG A 122 -11.33 4.34 -23.81
N GLY A 123 -12.12 5.23 -23.20
CA GLY A 123 -13.41 5.59 -23.74
C GLY A 123 -13.34 6.88 -24.54
N PRO A 124 -14.49 7.32 -25.04
CA PRO A 124 -14.53 8.51 -25.92
C PRO A 124 -13.82 9.73 -25.40
N ARG A 125 -14.07 10.12 -24.15
CA ARG A 125 -13.57 11.40 -23.65
C ARG A 125 -12.12 11.32 -23.20
N GLY A 126 -11.58 10.12 -23.02
CA GLY A 126 -10.17 9.98 -22.68
C GLY A 126 -9.85 10.66 -21.36
N LEU A 127 -8.88 11.58 -21.41
CA LEU A 127 -8.36 12.23 -20.21
C LEU A 127 -9.44 12.97 -19.42
N LYS A 128 -10.42 13.54 -20.10
CA LYS A 128 -11.43 14.32 -19.38
C LYS A 128 -12.43 13.43 -18.66
N ALA A 129 -12.66 12.22 -19.17
CA ALA A 129 -13.52 11.28 -18.45
C ALA A 129 -12.84 10.74 -17.21
N VAL A 130 -11.51 10.66 -17.21
CA VAL A 130 -10.79 10.17 -16.04
C VAL A 130 -10.96 11.14 -14.88
N GLY A 131 -10.74 12.42 -15.13
CA GLY A 131 -10.86 13.40 -14.07
C GLY A 131 -9.67 13.38 -13.15
N PRO A 132 -9.52 14.43 -12.34
CA PRO A 132 -8.29 14.63 -11.55
C PRO A 132 -8.27 14.01 -10.16
N TYR A 133 -9.18 13.11 -9.81
CA TYR A 133 -9.26 12.60 -8.43
C TYR A 133 -8.96 11.11 -8.33
N VAL A 134 -8.43 10.49 -9.38
CA VAL A 134 -8.33 9.05 -9.37
C VAL A 134 -7.08 8.58 -8.63
N VAL A 135 -6.02 9.41 -8.59
CA VAL A 135 -4.79 8.99 -7.95
C VAL A 135 -5.01 8.80 -6.46
N THR A 136 -5.58 9.81 -5.77
CA THR A 136 -5.81 9.67 -4.34
C THR A 136 -6.78 8.55 -4.01
N LYS A 137 -7.63 8.18 -4.95
CA LYS A 137 -8.55 7.08 -4.68
C LYS A 137 -7.87 5.73 -4.85
N ALA A 138 -6.94 5.63 -5.79
CA ALA A 138 -6.40 4.34 -6.17
C ALA A 138 -5.02 4.06 -5.57
N MET A 139 -4.33 5.10 -5.14
CA MET A 139 -3.05 4.93 -4.48
C MET A 139 -3.19 4.13 -3.19
N ALA A 140 -2.14 3.34 -2.87
CA ALA A 140 -2.23 2.39 -1.76
C ALA A 140 -2.37 3.10 -0.43
N SER A 141 -1.85 4.30 -0.33
CA SER A 141 -1.88 5.07 0.89
C SER A 141 -3.11 5.95 1.00
N GLY A 142 -4.11 5.73 0.15
CA GLY A 142 -5.26 6.61 0.13
C GLY A 142 -5.96 6.70 1.47
N VAL A 143 -6.02 5.58 2.22
CA VAL A 143 -6.69 5.60 3.52
C VAL A 143 -6.00 6.57 4.46
N SER A 144 -4.68 6.50 4.49
CA SER A 144 -3.99 7.39 5.42
C SER A 144 -3.98 8.82 4.89
N ALA A 145 -3.71 9.00 3.59
CA ALA A 145 -3.72 10.33 3.02
C ALA A 145 -5.10 11.00 3.13
N CYS A 146 -6.17 10.27 2.88
CA CYS A 146 -7.50 10.90 2.89
C CYS A 146 -8.04 11.15 4.28
N LEU A 147 -7.36 10.68 5.34
CA LEU A 147 -7.76 11.00 6.71
C LEU A 147 -6.82 11.98 7.37
N ALA A 148 -5.52 11.81 7.18
CA ALA A 148 -4.56 12.68 7.85
C ALA A 148 -4.72 14.12 7.38
N THR A 149 -5.21 14.29 6.15
CA THR A 149 -5.28 15.64 5.62
C THR A 149 -6.46 16.37 6.24
N PRO A 150 -7.71 15.85 6.15
CA PRO A 150 -8.84 16.61 6.73
C PRO A 150 -8.90 16.61 8.24
N PHE A 151 -8.22 15.69 8.93
CA PHE A 151 -8.16 15.71 10.38
C PHE A 151 -6.95 16.48 10.88
N LYS A 152 -6.21 17.13 9.98
CA LYS A 152 -5.14 18.05 10.35
C LYS A 152 -4.08 17.35 11.19
N ILE A 153 -3.82 16.08 10.84
CA ILE A 153 -2.77 15.31 11.48
C ILE A 153 -1.41 15.87 11.09
N HIS A 154 -0.51 15.98 12.07
CA HIS A 154 0.83 16.52 11.89
C HIS A 154 1.95 15.56 12.22
N GLY A 155 1.70 14.51 13.00
CA GLY A 155 2.73 13.57 13.33
C GLY A 155 2.95 12.55 12.22
N VAL A 156 3.24 11.30 12.58
CA VAL A 156 3.48 10.28 11.56
C VAL A 156 2.26 10.16 10.68
N ASN A 157 2.47 9.75 9.43
CA ASN A 157 1.37 9.62 8.49
C ASN A 157 1.82 8.70 7.38
N TYR A 158 1.27 7.51 7.35
CA TYR A 158 1.54 6.57 6.27
C TYR A 158 0.65 5.35 6.52
N SER A 159 0.59 4.48 5.51
CA SER A 159 -0.15 3.23 5.59
C SER A 159 0.83 2.08 5.72
N ILE A 160 0.42 1.04 6.44
CA ILE A 160 1.04 -0.26 6.30
C ILE A 160 0.12 -1.15 5.49
N SER A 161 0.70 -1.96 4.64
CA SER A 161 -0.08 -2.89 3.85
C SER A 161 0.55 -4.26 3.95
N SER A 162 -0.26 -5.25 4.30
CA SER A 162 0.27 -6.60 4.45
C SER A 162 -0.87 -7.57 4.20
N ALA A 163 -1.58 -7.37 3.09
CA ALA A 163 -2.65 -8.24 2.67
C ALA A 163 -3.65 -8.28 3.83
N CYS A 164 -4.02 -9.47 4.33
CA CYS A 164 -5.07 -9.53 5.32
C CYS A 164 -4.57 -9.31 6.74
N ALA A 165 -3.28 -9.00 6.94
CA ALA A 165 -2.75 -8.55 8.23
C ALA A 165 -2.65 -7.04 8.35
N THR A 166 -3.00 -6.30 7.27
CA THR A 166 -2.76 -4.87 7.12
C THR A 166 -3.06 -4.06 8.37
N SER A 167 -4.31 -4.05 8.84
CA SER A 167 -4.64 -3.12 9.92
C SER A 167 -4.17 -3.61 11.28
N ALA A 168 -3.84 -4.90 11.41
CA ALA A 168 -3.20 -5.34 12.66
C ALA A 168 -1.78 -4.81 12.75
N HIS A 169 -1.03 -4.86 11.64
CA HIS A 169 0.30 -4.25 11.61
C HIS A 169 0.22 -2.74 11.83
N CYS A 170 -0.82 -2.09 11.31
CA CYS A 170 -0.99 -0.66 11.59
C CYS A 170 -1.06 -0.37 13.08
N ILE A 171 -1.86 -1.16 13.82
CA ILE A 171 -1.97 -0.94 15.26
C ILE A 171 -0.63 -1.22 15.95
N GLY A 172 -0.01 -2.36 15.61
CA GLY A 172 1.31 -2.66 16.14
C GLY A 172 2.32 -1.54 15.95
N ASN A 173 2.39 -0.99 14.73
N ASN A 173 2.38 -0.98 14.75
CA ASN A 173 3.35 0.09 14.46
CA ASN A 173 3.31 0.10 14.45
C ASN A 173 2.96 1.36 15.22
C ASN A 173 2.95 1.33 15.27
N ALA A 174 1.66 1.62 15.35
CA ALA A 174 1.21 2.73 16.21
C ALA A 174 1.75 2.55 17.62
N VAL A 175 1.65 1.33 18.15
CA VAL A 175 2.15 1.05 19.49
C VAL A 175 3.65 1.33 19.60
N GLU A 176 4.44 0.87 18.61
CA GLU A 176 5.88 1.13 18.62
C GLU A 176 6.19 2.63 18.59
N GLN A 177 5.37 3.41 17.90
CA GLN A 177 5.60 4.85 17.87
C GLN A 177 5.43 5.46 19.26
N ILE A 178 4.41 5.01 20.00
CA ILE A 178 4.25 5.42 21.40
C ILE A 178 5.43 4.92 22.23
N GLN A 179 5.82 3.66 22.04
CA GLN A 179 6.89 3.08 22.84
C GLN A 179 8.20 3.84 22.66
N LEU A 180 8.47 4.28 21.44
CA LEU A 180 9.66 5.04 21.10
C LEU A 180 9.56 6.48 21.53
N GLY A 181 8.42 6.88 22.13
CA GLY A 181 8.24 8.23 22.61
C GLY A 181 8.17 9.26 21.52
N LYS A 182 7.92 8.86 20.29
CA LYS A 182 7.82 9.80 19.19
C LYS A 182 6.42 10.39 19.05
N GLN A 183 5.39 9.73 19.60
CA GLN A 183 4.02 10.18 19.43
C GLN A 183 3.27 9.98 20.75
N ASP A 184 2.34 10.90 21.05
CA ASP A 184 1.45 10.75 22.20
C ASP A 184 0.16 10.00 21.85
N ILE A 185 -0.26 10.10 20.60
CA ILE A 185 -1.50 9.52 20.12
C ILE A 185 -1.26 9.11 18.69
N VAL A 186 -1.69 7.90 18.32
CA VAL A 186 -1.70 7.51 16.92
C VAL A 186 -3.05 6.88 16.61
N PHE A 187 -3.76 7.45 15.64
CA PHE A 187 -4.95 6.77 15.16
C PHE A 187 -4.50 5.62 14.26
N ALA A 188 -5.02 4.43 14.51
CA ALA A 188 -4.55 3.28 13.75
C ALA A 188 -5.75 2.48 13.31
N GLY A 189 -5.70 1.99 12.08
CA GLY A 189 -6.82 1.22 11.57
C GLY A 189 -6.69 0.96 10.09
N GLY A 190 -7.85 0.90 9.44
CA GLY A 190 -7.85 0.57 8.03
C GLY A 190 -9.25 0.58 7.47
N GLY A 191 -9.31 0.30 6.18
CA GLY A 191 -10.59 0.17 5.52
C GLY A 191 -10.38 -0.64 4.27
N GLU A 192 -11.47 -1.20 3.75
CA GLU A 192 -11.45 -1.89 2.48
C GLU A 192 -12.78 -1.71 1.79
N GLU A 193 -12.74 -1.56 0.45
CA GLU A 193 -13.94 -1.47 -0.37
C GLU A 193 -14.39 -2.88 -0.76
N LEU A 194 -15.62 -2.98 -1.22
CA LEU A 194 -16.25 -4.25 -1.52
C LEU A 194 -16.80 -4.17 -2.95
N CYS A 195 -16.20 -4.92 -3.87
CA CYS A 195 -16.42 -4.69 -5.30
C CYS A 195 -16.08 -5.96 -6.06
N TRP A 196 -16.84 -6.22 -7.13
CA TRP A 196 -16.55 -7.40 -7.93
C TRP A 196 -15.13 -7.37 -8.47
N GLU A 197 -14.60 -6.18 -8.78
CA GLU A 197 -13.30 -6.07 -9.44
C GLU A 197 -12.21 -6.74 -8.62
N MET A 198 -12.32 -6.69 -7.29
CA MET A 198 -11.35 -7.31 -6.40
C MET A 198 -11.78 -8.72 -6.02
N ALA A 199 -13.09 -8.93 -5.80
CA ALA A 199 -13.59 -10.23 -5.37
C ALA A 199 -13.40 -11.30 -6.44
N CYS A 200 -13.51 -10.93 -7.73
CA CYS A 200 -13.33 -11.96 -8.76
C CYS A 200 -11.90 -12.44 -8.81
N GLU A 201 -10.96 -11.60 -8.41
CA GLU A 201 -9.59 -12.07 -8.35
C GLU A 201 -9.43 -13.20 -7.33
N PHE A 202 -10.17 -13.11 -6.20
CA PHE A 202 -10.16 -14.17 -5.20
C PHE A 202 -10.93 -15.40 -5.67
N ASP A 203 -12.07 -15.17 -6.33
CA ASP A 203 -12.83 -16.29 -6.87
C ASP A 203 -11.96 -17.12 -7.82
N ALA A 204 -11.22 -16.45 -8.71
CA ALA A 204 -10.36 -17.17 -9.64
C ALA A 204 -9.36 -18.11 -8.93
N MET A 205 -8.93 -17.78 -7.70
CA MET A 205 -7.98 -18.62 -6.98
C MET A 205 -8.61 -19.89 -6.43
N GLY A 206 -9.93 -19.88 -6.28
CA GLY A 206 -10.62 -20.88 -5.49
C GLY A 206 -10.76 -20.51 -4.03
N ALA A 207 -10.58 -19.23 -3.70
CA ALA A 207 -10.49 -18.81 -2.32
C ALA A 207 -11.85 -18.56 -1.65
N LEU A 208 -12.87 -18.26 -2.45
CA LEU A 208 -14.17 -17.83 -1.94
C LEU A 208 -15.16 -18.99 -1.83
N SER A 209 -16.05 -18.89 -0.82
CA SER A 209 -17.18 -19.80 -0.68
C SER A 209 -18.12 -19.69 -1.88
N THR A 210 -18.51 -20.86 -2.43
CA THR A 210 -19.42 -20.92 -3.58
C THR A 210 -20.58 -21.89 -3.43
N LYS A 211 -20.57 -22.75 -2.40
CA LYS A 211 -21.54 -23.82 -2.31
C LYS A 211 -22.79 -23.46 -1.52
N TYR A 212 -22.85 -22.26 -0.92
CA TYR A 212 -23.89 -21.89 0.02
C TYR A 212 -24.62 -20.63 -0.41
N ASN A 213 -24.61 -20.32 -1.70
CA ASN A 213 -25.17 -19.07 -2.19
C ASN A 213 -26.66 -18.98 -1.91
N ASP A 214 -27.33 -20.11 -1.70
CA ASP A 214 -28.76 -20.06 -1.47
C ASP A 214 -29.06 -19.70 -0.03
N THR A 215 -28.21 -20.17 0.89
CA THR A 215 -28.29 -19.83 2.31
C THR A 215 -27.12 -18.93 2.69
N PRO A 216 -27.18 -17.64 2.35
CA PRO A 216 -25.99 -16.78 2.52
C PRO A 216 -25.46 -16.70 3.93
N GLU A 217 -26.32 -16.76 4.95
CA GLU A 217 -25.83 -16.58 6.31
C GLU A 217 -25.07 -17.79 6.85
N LYS A 218 -25.06 -18.89 6.10
CA LYS A 218 -24.34 -20.09 6.48
C LYS A 218 -23.09 -20.32 5.63
N ALA A 219 -22.76 -19.41 4.71
CA ALA A 219 -21.60 -19.61 3.84
C ALA A 219 -20.29 -19.54 4.63
N SER A 220 -20.19 -18.59 5.56
CA SER A 220 -19.01 -18.44 6.40
C SER A 220 -19.15 -19.31 7.64
N ARG A 221 -18.26 -20.29 7.78
CA ARG A 221 -18.47 -21.38 8.74
C ARG A 221 -17.12 -21.93 9.18
N THR A 222 -16.24 -21.04 9.66
CA THR A 222 -14.93 -21.45 10.14
C THR A 222 -15.02 -22.66 11.04
N TYR A 223 -14.08 -23.59 10.83
CA TYR A 223 -13.93 -24.83 11.61
C TYR A 223 -15.00 -25.86 11.29
N ASP A 224 -16.03 -25.48 10.53
CA ASP A 224 -16.98 -26.49 10.06
C ASP A 224 -16.33 -27.40 9.02
N ALA A 225 -16.63 -28.70 9.13
CA ALA A 225 -16.01 -29.68 8.23
C ALA A 225 -16.39 -29.46 6.76
N HIS A 226 -17.48 -28.75 6.48
CA HIS A 226 -17.87 -28.51 5.10
C HIS A 226 -17.68 -27.06 4.68
N ARG A 227 -16.80 -26.32 5.38
CA ARG A 227 -16.40 -25.00 4.91
C ARG A 227 -15.81 -25.08 3.50
N ASP A 228 -16.05 -24.05 2.71
CA ASP A 228 -15.61 -24.10 1.32
C ASP A 228 -14.99 -22.80 0.84
N GLY A 229 -14.44 -21.98 1.74
CA GLY A 229 -13.81 -20.73 1.36
C GLY A 229 -14.39 -19.56 2.12
N PHE A 230 -13.68 -18.44 2.00
CA PHE A 230 -14.08 -17.30 2.79
C PHE A 230 -15.11 -16.48 2.04
N VAL A 231 -15.79 -15.60 2.78
CA VAL A 231 -16.82 -14.72 2.25
C VAL A 231 -16.30 -13.31 2.34
N ILE A 232 -16.13 -12.68 1.19
CA ILE A 232 -15.48 -11.39 1.15
C ILE A 232 -16.39 -10.34 1.78
N ALA A 233 -15.78 -9.33 2.38
CA ALA A 233 -16.54 -8.31 3.08
C ALA A 233 -15.75 -7.00 2.94
N GLY A 234 -16.40 -5.90 3.32
CA GLY A 234 -15.75 -4.60 3.35
C GLY A 234 -16.06 -3.89 4.65
N GLY A 235 -15.41 -2.74 4.86
CA GLY A 235 -15.69 -1.90 6.02
C GLY A 235 -14.46 -1.13 6.43
N GLY A 236 -14.51 -0.62 7.66
CA GLY A 236 -13.40 0.12 8.22
C GLY A 236 -13.41 0.05 9.73
N GLY A 237 -12.30 0.49 10.32
CA GLY A 237 -12.23 0.52 11.74
C GLY A 237 -11.05 1.39 12.11
N MET A 238 -11.10 1.96 13.32
CA MET A 238 -10.08 2.88 13.82
C MET A 238 -10.01 2.77 15.33
N VAL A 239 -8.81 2.63 15.88
CA VAL A 239 -8.66 2.75 17.33
C VAL A 239 -7.70 3.90 17.65
N VAL A 240 -7.86 4.50 18.84
CA VAL A 240 -7.00 5.59 19.31
C VAL A 240 -5.92 5.00 20.21
N VAL A 241 -4.68 4.93 19.74
CA VAL A 241 -3.59 4.38 20.52
C VAL A 241 -2.93 5.54 21.24
N GLU A 242 -2.76 5.44 22.55
CA GLU A 242 -2.35 6.59 23.34
C GLU A 242 -1.32 6.20 24.38
N GLU A 243 -0.36 7.10 24.63
CA GLU A 243 0.63 6.83 25.66
C GLU A 243 -0.07 6.86 27.02
N LEU A 244 0.34 5.95 27.91
CA LEU A 244 -0.45 5.65 29.11
C LEU A 244 -0.60 6.88 30.01
N GLU A 245 0.51 7.49 30.40
CA GLU A 245 0.46 8.65 31.26
C GLU A 245 -0.41 9.73 30.67
N HIS A 246 -0.26 9.96 29.40
CA HIS A 246 -1.07 10.96 28.72
C HIS A 246 -2.55 10.67 28.89
N ALA A 247 -2.93 9.41 28.77
CA ALA A 247 -4.33 9.01 28.86
C ALA A 247 -4.85 9.24 30.27
N LEU A 248 -4.06 8.83 31.25
CA LEU A 248 -4.48 8.94 32.64
C LEU A 248 -4.63 10.40 33.04
N ALA A 249 -3.72 11.26 32.57
CA ALA A 249 -3.74 12.65 32.96
C ALA A 249 -4.87 13.44 32.31
N ARG A 250 -5.53 12.95 31.28
CA ARG A 250 -6.66 13.68 30.73
C ARG A 250 -7.99 13.02 31.09
N GLY A 251 -7.96 11.99 31.94
CA GLY A 251 -9.17 11.33 32.36
C GLY A 251 -9.83 10.56 31.25
N ALA A 252 -9.02 9.93 30.39
CA ALA A 252 -9.55 9.21 29.24
C ALA A 252 -10.22 7.93 29.69
N HIS A 253 -11.19 7.46 28.92
CA HIS A 253 -11.63 6.09 29.08
C HIS A 253 -10.63 5.15 28.40
N ILE A 254 -10.12 4.18 29.14
CA ILE A 254 -9.13 3.24 28.63
C ILE A 254 -9.79 1.86 28.50
N TYR A 255 -9.81 1.31 27.28
CA TYR A 255 -10.34 -0.03 27.09
C TYR A 255 -9.35 -1.08 27.55
N ALA A 256 -8.09 -0.95 27.14
CA ALA A 256 -7.11 -1.99 27.42
C ALA A 256 -5.73 -1.43 27.14
N GLU A 257 -4.73 -2.10 27.71
CA GLU A 257 -3.36 -1.87 27.31
C GLU A 257 -2.97 -2.86 26.21
N ILE A 258 -2.19 -2.40 25.24
CA ILE A 258 -1.64 -3.31 24.25
C ILE A 258 -0.35 -3.85 24.86
N VAL A 259 -0.39 -5.07 25.38
CA VAL A 259 0.77 -5.59 26.08
C VAL A 259 1.61 -6.51 25.22
N GLY A 260 1.16 -6.85 24.02
CA GLY A 260 1.95 -7.66 23.11
C GLY A 260 1.65 -7.41 21.65
N TYR A 261 2.68 -7.49 20.83
CA TYR A 261 2.56 -7.34 19.38
C TYR A 261 3.60 -8.23 18.75
N GLY A 262 3.13 -9.21 17.98
CA GLY A 262 3.98 -10.06 17.17
C GLY A 262 3.82 -9.73 15.71
N ALA A 263 4.90 -9.87 14.96
CA ALA A 263 4.92 -9.62 13.53
C ALA A 263 6.02 -10.48 12.94
N THR A 264 5.66 -11.54 12.24
CA THR A 264 6.63 -12.49 11.72
C THR A 264 6.32 -12.81 10.25
N SER A 265 7.09 -13.74 9.70
CA SER A 265 7.02 -14.10 8.29
C SER A 265 7.27 -15.59 8.15
N ASP A 266 6.55 -16.23 7.22
CA ASP A 266 6.72 -17.68 7.05
C ASP A 266 7.96 -18.01 6.24
N GLY A 267 8.23 -17.19 5.22
CA GLY A 267 9.26 -17.49 4.25
C GLY A 267 9.10 -18.85 3.62
N ALA A 268 7.87 -19.20 3.27
CA ALA A 268 7.61 -20.54 2.74
C ALA A 268 6.67 -20.71 1.55
N ASP A 269 5.39 -20.39 1.76
CA ASP A 269 4.43 -20.55 0.67
C ASP A 269 3.75 -19.19 0.51
N MET A 270 3.52 -18.81 -0.75
CA MET A 270 2.90 -17.55 -1.05
C MET A 270 1.45 -17.48 -0.58
N VAL A 271 0.70 -18.58 -0.64
CA VAL A 271 -0.74 -18.55 -0.34
C VAL A 271 -1.25 -19.48 0.73
N ALA A 272 -0.44 -20.44 1.15
CA ALA A 272 -0.82 -21.34 2.23
C ALA A 272 0.07 -21.11 3.44
N PRO A 273 -0.46 -21.02 4.66
CA PRO A 273 0.39 -20.71 5.83
C PRO A 273 1.25 -21.89 6.24
N SER A 274 2.44 -21.59 6.75
CA SER A 274 3.32 -22.65 7.23
C SER A 274 2.93 -23.10 8.61
N GLY A 275 2.31 -22.22 9.40
CA GLY A 275 1.98 -22.52 10.79
C GLY A 275 3.14 -22.28 11.73
N GLU A 276 4.35 -22.58 11.25
CA GLU A 276 5.58 -22.28 11.99
C GLU A 276 5.71 -20.78 12.28
N GLY A 277 5.42 -19.93 11.28
CA GLY A 277 5.52 -18.50 11.50
C GLY A 277 4.46 -17.98 12.44
N ALA A 278 3.25 -18.56 12.37
CA ALA A 278 2.20 -18.17 13.31
C ALA A 278 2.58 -18.53 14.73
N VAL A 279 3.20 -19.69 14.92
CA VAL A 279 3.61 -20.09 16.26
C VAL A 279 4.52 -19.02 16.86
N ARG A 280 5.55 -18.64 16.11
CA ARG A 280 6.46 -17.57 16.55
C ARG A 280 5.74 -16.25 16.74
N CYS A 281 4.80 -15.93 15.86
CA CYS A 281 4.09 -14.66 16.01
C CYS A 281 3.28 -14.66 17.30
N MET A 282 2.53 -15.72 17.57
CA MET A 282 1.77 -15.76 18.81
C MET A 282 2.69 -15.76 20.02
N LYS A 283 3.77 -16.56 19.96
CA LYS A 283 4.76 -16.58 21.03
C LYS A 283 5.37 -15.21 21.25
N MET A 284 5.77 -14.54 20.17
CA MET A 284 6.31 -13.18 20.31
C MET A 284 5.32 -12.23 21.00
N ALA A 285 4.05 -12.28 20.61
CA ALA A 285 3.08 -11.37 21.22
C ALA A 285 2.84 -11.69 22.68
N MET A 286 3.03 -12.94 23.09
CA MET A 286 2.82 -13.32 24.48
C MET A 286 4.03 -13.05 25.37
N HIS A 287 5.14 -12.60 24.80
CA HIS A 287 6.37 -12.48 25.55
C HIS A 287 6.25 -11.41 26.64
N GLY A 288 6.64 -11.77 27.86
CA GLY A 288 6.52 -10.86 28.97
C GLY A 288 5.11 -10.63 29.49
N VAL A 289 4.13 -11.41 29.05
CA VAL A 289 2.75 -11.25 29.49
C VAL A 289 2.53 -12.28 30.59
N ASP A 290 2.40 -11.82 31.82
CA ASP A 290 2.38 -12.71 32.97
C ASP A 290 0.99 -13.24 33.31
N THR A 291 -0.01 -12.99 32.46
CA THR A 291 -1.38 -13.44 32.68
C THR A 291 -1.77 -14.34 31.51
N PRO A 292 -2.62 -15.35 31.74
CA PRO A 292 -2.99 -16.25 30.66
C PRO A 292 -3.90 -15.55 29.65
N ILE A 293 -3.86 -16.04 28.41
CA ILE A 293 -4.78 -15.59 27.36
C ILE A 293 -6.15 -16.20 27.66
N ASP A 294 -7.13 -15.35 27.98
CA ASP A 294 -8.49 -15.81 28.28
C ASP A 294 -9.29 -16.11 27.02
N TYR A 295 -9.07 -15.33 25.97
CA TYR A 295 -9.87 -15.45 24.76
C TYR A 295 -8.99 -15.12 23.58
N LEU A 296 -9.10 -15.94 22.52
CA LEU A 296 -8.31 -15.78 21.31
C LEU A 296 -9.27 -15.60 20.14
N ASN A 297 -9.20 -14.45 19.47
CA ASN A 297 -9.93 -14.18 18.23
C ASN A 297 -9.03 -14.62 17.07
N SER A 298 -9.28 -15.80 16.53
CA SER A 298 -8.42 -16.33 15.49
C SER A 298 -8.61 -15.58 14.20
N HIS A 299 -7.70 -15.80 13.27
CA HIS A 299 -7.86 -15.27 11.93
C HIS A 299 -9.00 -15.99 11.21
N GLY A 300 -9.03 -17.32 11.30
CA GLY A 300 -10.15 -18.19 11.00
C GLY A 300 -11.11 -17.92 9.85
N THR A 301 -10.56 -17.70 8.66
CA THR A 301 -11.33 -17.23 7.52
C THR A 301 -12.39 -18.13 6.90
N SER A 302 -12.51 -19.39 7.32
CA SER A 302 -13.43 -20.40 6.72
C SER A 302 -12.84 -21.10 5.49
N THR A 303 -11.53 -21.06 5.34
CA THR A 303 -10.88 -21.75 4.26
C THR A 303 -10.54 -23.17 4.70
N PRO A 304 -10.65 -24.13 3.78
CA PRO A 304 -10.19 -25.48 4.19
C PRO A 304 -8.72 -25.51 4.61
N VAL A 305 -7.82 -24.95 3.82
CA VAL A 305 -6.39 -24.93 4.17
C VAL A 305 -6.15 -24.10 5.43
N GLY A 306 -6.75 -22.91 5.50
CA GLY A 306 -6.32 -21.92 6.48
C GLY A 306 -6.64 -22.29 7.91
N ASP A 307 -7.90 -22.72 8.17
CA ASP A 307 -8.38 -22.84 9.55
C ASP A 307 -7.58 -23.89 10.34
N VAL A 308 -7.26 -25.02 9.73
CA VAL A 308 -6.60 -26.10 10.45
C VAL A 308 -5.17 -25.80 10.75
N LYS A 309 -4.53 -25.12 9.84
CA LYS A 309 -3.15 -24.71 10.08
C LYS A 309 -3.05 -23.79 11.28
N GLU A 310 -4.00 -22.87 11.41
CA GLU A 310 -3.96 -21.98 12.56
C GLU A 310 -4.31 -22.73 13.84
N LEU A 311 -5.25 -23.68 13.78
CA LEU A 311 -5.54 -24.49 14.97
C LEU A 311 -4.30 -25.26 15.40
N ALA A 312 -3.62 -25.89 14.45
CA ALA A 312 -2.36 -26.59 14.74
C ALA A 312 -1.36 -25.68 15.44
N ALA A 313 -1.24 -24.44 14.96
CA ALA A 313 -0.33 -23.48 15.60
C ALA A 313 -0.80 -23.11 17.00
N ILE A 314 -2.12 -22.96 17.21
CA ILE A 314 -2.61 -22.63 18.55
C ILE A 314 -2.31 -23.78 19.52
N ARG A 315 -2.50 -25.02 19.07
CA ARG A 315 -2.12 -26.20 19.85
C ARG A 315 -0.66 -26.17 20.27
N GLU A 316 0.23 -25.93 19.30
CA GLU A 316 1.65 -25.84 19.56
C GLU A 316 1.98 -24.82 20.64
N VAL A 317 1.40 -23.62 20.55
CA VAL A 317 1.72 -22.58 21.52
C VAL A 317 1.12 -22.92 22.89
N PHE A 318 -0.16 -23.27 22.94
CA PHE A 318 -0.87 -23.33 24.22
C PHE A 318 -0.87 -24.71 24.85
N GLY A 319 -0.70 -25.76 24.05
CA GLY A 319 -0.65 -27.10 24.58
C GLY A 319 -1.95 -27.45 25.25
N ASP A 320 -1.93 -27.90 26.50
CA ASP A 320 -3.18 -28.32 27.13
C ASP A 320 -3.88 -27.13 27.83
N LYS A 321 -3.45 -25.91 27.54
CA LYS A 321 -4.09 -24.74 28.15
C LYS A 321 -4.74 -23.86 27.10
N SER A 322 -5.55 -24.44 26.22
CA SER A 322 -6.23 -23.69 25.17
C SER A 322 -7.00 -22.50 25.77
N PRO A 323 -6.85 -21.30 25.21
CA PRO A 323 -7.80 -20.25 25.54
C PRO A 323 -9.13 -20.55 24.88
N ALA A 324 -10.17 -19.87 25.35
CA ALA A 324 -11.41 -19.88 24.60
C ALA A 324 -11.16 -19.24 23.23
N ILE A 325 -11.67 -19.88 22.19
CA ILE A 325 -11.41 -19.47 20.81
C ILE A 325 -12.75 -19.28 20.11
N SER A 326 -12.85 -18.24 19.29
CA SER A 326 -13.93 -18.17 18.32
C SER A 326 -13.48 -17.33 17.14
N ALA A 327 -14.05 -17.64 15.96
CA ALA A 327 -13.75 -16.97 14.69
C ALA A 327 -14.94 -16.09 14.36
N THR A 328 -14.79 -14.80 14.60
CA THR A 328 -15.87 -13.85 14.31
C THR A 328 -16.13 -13.68 12.83
N LYS A 329 -15.22 -14.13 11.97
CA LYS A 329 -15.48 -14.00 10.55
C LYS A 329 -16.64 -14.91 10.12
N ALA A 330 -16.98 -15.93 10.90
CA ALA A 330 -18.16 -16.73 10.56
C ALA A 330 -19.41 -15.87 10.57
N MET A 331 -19.45 -14.84 11.42
CA MET A 331 -20.51 -13.81 11.41
C MET A 331 -20.25 -12.72 10.40
N THR A 332 -19.02 -12.21 10.31
CA THR A 332 -18.77 -10.94 9.64
C THR A 332 -18.30 -11.07 8.19
N GLY A 333 -17.81 -12.22 7.78
CA GLY A 333 -17.04 -12.30 6.55
C GLY A 333 -15.65 -11.67 6.73
N HIS A 334 -14.90 -11.70 5.64
CA HIS A 334 -13.51 -11.24 5.62
C HIS A 334 -13.28 -9.87 5.00
N SER A 335 -13.02 -8.90 5.83
CA SER A 335 -12.80 -7.51 5.39
C SER A 335 -11.36 -7.21 4.93
N LEU A 336 -10.55 -8.23 4.77
CA LEU A 336 -9.20 -8.06 4.25
C LEU A 336 -8.34 -7.07 5.02
N GLY A 337 -8.04 -5.94 4.40
CA GLY A 337 -7.25 -4.94 5.06
C GLY A 337 -7.84 -4.45 6.38
N ALA A 338 -9.15 -4.37 6.45
CA ALA A 338 -9.79 -3.89 7.65
C ALA A 338 -10.02 -4.97 8.74
N ALA A 339 -9.70 -6.20 8.42
CA ALA A 339 -10.02 -7.31 9.33
C ALA A 339 -9.32 -7.18 10.69
N GLY A 340 -8.06 -6.83 10.65
CA GLY A 340 -7.30 -6.74 11.87
C GLY A 340 -7.91 -5.80 12.87
N VAL A 341 -8.17 -4.58 12.44
CA VAL A 341 -8.64 -3.60 13.41
C VAL A 341 -10.07 -3.91 13.84
N GLN A 342 -10.89 -4.39 12.92
CA GLN A 342 -12.25 -4.76 13.33
C GLN A 342 -12.23 -5.90 14.34
N GLU A 343 -11.32 -6.85 14.15
CA GLU A 343 -11.24 -7.95 15.13
C GLU A 343 -10.58 -7.50 16.44
N ALA A 344 -9.61 -6.60 16.35
CA ALA A 344 -9.14 -5.97 17.59
C ALA A 344 -10.28 -5.26 18.30
N ILE A 345 -11.20 -4.67 17.53
CA ILE A 345 -12.33 -3.96 18.13
C ILE A 345 -13.33 -4.96 18.75
N TYR A 346 -13.66 -6.04 18.04
CA TYR A 346 -14.52 -7.05 18.65
C TYR A 346 -13.90 -7.58 19.94
N SER A 347 -12.60 -7.85 19.91
CA SER A 347 -11.94 -8.39 21.11
C SER A 347 -11.96 -7.36 22.24
N LEU A 348 -11.78 -6.09 21.90
CA LEU A 348 -11.88 -5.06 22.92
C LEU A 348 -13.31 -4.97 23.46
N LEU A 349 -14.32 -5.16 22.61
CA LEU A 349 -15.69 -5.12 23.11
C LEU A 349 -16.01 -6.35 23.93
N MET A 350 -15.41 -7.50 23.59
CA MET A 350 -15.61 -8.64 24.47
C MET A 350 -14.95 -8.40 25.82
N LEU A 351 -13.77 -7.75 25.83
CA LEU A 351 -13.07 -7.48 27.08
C LEU A 351 -13.79 -6.43 27.92
N GLU A 352 -14.32 -5.40 27.28
CA GLU A 352 -14.98 -4.32 28.00
C GLU A 352 -16.34 -4.77 28.52
N HIS A 353 -17.00 -5.68 27.81
CA HIS A 353 -18.36 -6.03 28.14
C HIS A 353 -18.47 -7.43 28.71
N GLY A 354 -17.37 -8.12 28.88
CA GLY A 354 -17.36 -9.34 29.66
C GLY A 354 -18.09 -10.50 29.02
N PHE A 355 -17.80 -10.80 27.76
CA PHE A 355 -18.45 -11.94 27.11
C PHE A 355 -17.54 -12.52 26.04
N ILE A 356 -17.80 -13.76 25.66
CA ILE A 356 -17.13 -14.38 24.54
C ILE A 356 -18.13 -14.55 23.40
N ALA A 357 -17.82 -13.95 22.25
CA ALA A 357 -18.70 -14.03 21.09
C ALA A 357 -18.59 -15.39 20.43
N PRO A 358 -19.68 -15.90 19.86
CA PRO A 358 -19.69 -17.28 19.41
C PRO A 358 -19.04 -17.48 18.05
N SER A 359 -18.49 -18.67 17.88
CA SER A 359 -17.99 -19.10 16.58
C SER A 359 -19.19 -19.81 15.93
N ILE A 360 -19.89 -19.12 15.02
CA ILE A 360 -21.17 -19.66 14.54
C ILE A 360 -21.00 -20.63 13.37
N ASN A 361 -22.12 -21.24 12.96
CA ASN A 361 -22.23 -22.10 11.78
C ASN A 361 -21.36 -23.35 11.84
N ILE A 362 -21.04 -23.87 13.01
CA ILE A 362 -20.33 -25.14 13.08
C ILE A 362 -21.36 -26.24 13.27
N GLU A 363 -21.70 -26.91 12.15
CA GLU A 363 -22.58 -28.07 12.20
C GLU A 363 -21.78 -29.32 12.51
N GLU A 364 -20.64 -29.48 11.84
CA GLU A 364 -19.73 -30.60 12.09
C GLU A 364 -18.34 -30.01 12.31
N LEU A 365 -17.77 -30.26 13.48
CA LEU A 365 -16.50 -29.65 13.84
C LEU A 365 -15.34 -30.45 13.27
N ASP A 366 -14.40 -29.75 12.64
CA ASP A 366 -13.32 -30.43 11.94
C ASP A 366 -12.49 -31.25 12.92
N GLU A 367 -12.00 -32.39 12.45
CA GLU A 367 -11.30 -33.29 13.36
C GLU A 367 -10.03 -32.66 13.92
N GLN A 368 -9.49 -31.64 13.27
CA GLN A 368 -8.34 -30.96 13.81
C GLN A 368 -8.59 -29.94 14.95
N ALA A 369 -9.82 -29.72 15.37
CA ALA A 369 -10.05 -28.82 16.51
C ALA A 369 -9.98 -29.54 17.85
N ALA A 370 -9.49 -30.75 17.85
CA ALA A 370 -9.45 -31.53 19.05
C ALA A 370 -8.49 -30.94 20.03
N GLY A 371 -8.92 -30.80 21.27
CA GLY A 371 -8.06 -30.25 22.28
C GLY A 371 -8.05 -28.74 22.24
N LEU A 372 -8.99 -28.17 21.51
CA LEU A 372 -9.08 -26.73 21.44
C LEU A 372 -10.46 -26.33 21.91
N ASN A 373 -10.55 -25.22 22.61
CA ASN A 373 -11.81 -24.80 23.23
C ASN A 373 -12.48 -23.77 22.31
N ILE A 374 -13.20 -24.28 21.32
CA ILE A 374 -13.94 -23.45 20.37
C ILE A 374 -15.32 -23.18 20.93
N VAL A 375 -15.60 -21.92 21.24
CA VAL A 375 -16.84 -21.51 21.88
C VAL A 375 -17.89 -21.21 20.81
N THR A 376 -19.01 -21.91 20.87
CA THR A 376 -20.02 -21.88 19.82
C THR A 376 -21.30 -21.16 20.23
N GLU A 377 -21.39 -20.72 21.50
CA GLU A 377 -22.53 -19.98 22.00
C GLU A 377 -22.02 -18.84 22.88
N THR A 378 -22.67 -17.66 22.78
CA THR A 378 -22.29 -16.52 23.62
C THR A 378 -22.15 -16.89 25.10
N THR A 379 -21.07 -16.46 25.72
CA THR A 379 -20.75 -16.86 27.09
C THR A 379 -20.32 -15.62 27.87
N ASP A 380 -21.09 -15.23 28.87
CA ASP A 380 -20.65 -14.13 29.71
C ASP A 380 -19.46 -14.60 30.52
N ARG A 381 -18.38 -13.82 30.50
CA ARG A 381 -17.21 -14.18 31.29
C ARG A 381 -16.39 -12.93 31.53
N GLU A 382 -15.82 -12.82 32.73
CA GLU A 382 -14.92 -11.71 33.04
C GLU A 382 -13.56 -12.03 32.41
N LEU A 383 -13.26 -11.40 31.29
CA LEU A 383 -11.99 -11.58 30.60
C LEU A 383 -11.00 -10.55 31.11
N THR A 384 -9.71 -10.94 31.13
CA THR A 384 -8.65 -10.00 31.47
C THR A 384 -7.67 -9.75 30.31
N THR A 385 -7.25 -10.80 29.62
CA THR A 385 -6.26 -10.73 28.55
C THR A 385 -6.84 -11.42 27.33
N VAL A 386 -6.87 -10.71 26.18
CA VAL A 386 -7.35 -11.33 24.94
C VAL A 386 -6.27 -11.17 23.88
N MET A 387 -6.33 -12.06 22.89
CA MET A 387 -5.40 -12.17 21.78
C MET A 387 -6.19 -12.14 20.48
N SER A 388 -5.60 -11.55 19.43
N SER A 388 -5.56 -11.60 19.42
CA SER A 388 -6.19 -11.63 18.10
CA SER A 388 -6.17 -11.59 18.09
C SER A 388 -5.09 -11.84 17.05
C SER A 388 -5.08 -11.84 17.05
N ASN A 389 -5.28 -12.86 16.22
CA ASN A 389 -4.39 -13.21 15.11
C ASN A 389 -4.92 -12.62 13.81
N SER A 390 -4.00 -12.19 12.93
CA SER A 390 -4.33 -11.87 11.53
C SER A 390 -3.20 -12.35 10.63
N PHE A 391 -3.53 -13.07 9.55
CA PHE A 391 -2.50 -13.55 8.61
C PHE A 391 -2.78 -13.06 7.19
N GLY A 392 -1.76 -13.05 6.34
CA GLY A 392 -1.96 -12.67 4.96
C GLY A 392 -1.15 -13.50 4.00
N PHE A 393 -1.58 -13.46 2.74
CA PHE A 393 -0.76 -13.93 1.63
C PHE A 393 0.65 -13.37 1.73
N GLY A 394 1.61 -14.14 1.22
CA GLY A 394 3.00 -13.77 1.36
C GLY A 394 3.62 -14.19 2.68
N GLY A 395 2.90 -14.99 3.47
CA GLY A 395 3.41 -15.46 4.73
C GLY A 395 3.55 -14.42 5.81
N THR A 396 2.73 -13.37 5.80
CA THR A 396 2.84 -12.30 6.78
C THR A 396 1.90 -12.54 7.97
N ASN A 397 2.43 -12.44 9.19
CA ASN A 397 1.70 -12.73 10.41
C ASN A 397 1.71 -11.56 11.37
N ALA A 398 0.58 -11.31 12.03
CA ALA A 398 0.48 -10.31 13.10
C ALA A 398 -0.37 -10.88 14.22
N THR A 399 -0.02 -10.54 15.45
CA THR A 399 -0.78 -10.93 16.64
C THR A 399 -0.78 -9.75 17.59
N LEU A 400 -1.95 -9.46 18.16
CA LEU A 400 -2.07 -8.42 19.17
C LEU A 400 -2.58 -9.05 20.46
N VAL A 401 -2.03 -8.61 21.58
CA VAL A 401 -2.54 -8.99 22.89
C VAL A 401 -2.93 -7.73 23.64
N MET A 402 -4.13 -7.74 24.21
CA MET A 402 -4.75 -6.58 24.85
C MET A 402 -5.17 -7.00 26.26
N ARG A 403 -4.86 -6.17 27.26
CA ARG A 403 -5.13 -6.58 28.63
C ARG A 403 -5.74 -5.43 29.42
N LYS A 404 -6.70 -5.77 30.28
CA LYS A 404 -7.30 -4.75 31.13
C LYS A 404 -6.23 -4.06 31.96
N LEU A 405 -6.48 -2.80 32.31
CA LEU A 405 -5.52 -2.08 33.13
C LEU A 405 -5.68 -2.51 34.58
N LYS A 406 -4.62 -2.98 35.19
CA LYS A 406 -4.67 -3.48 36.56
C LYS A 406 -5.90 -3.04 37.36
N VAL B 1 20.45 -0.44 26.00
CA VAL B 1 20.66 0.69 25.10
C VAL B 1 19.97 0.59 23.74
N SER B 2 19.56 1.72 23.17
CA SER B 2 18.97 1.75 21.82
C SER B 2 20.10 1.52 20.85
N LYS B 3 19.81 0.80 19.80
CA LYS B 3 20.86 0.44 18.89
C LYS B 3 21.06 1.35 17.71
N ARG B 4 22.20 1.16 17.08
CA ARG B 4 22.50 1.95 15.90
C ARG B 4 22.36 1.12 14.63
N ALA B 5 21.96 1.79 13.55
CA ALA B 5 21.58 1.17 12.29
C ALA B 5 22.51 1.69 11.21
N VAL B 6 23.05 0.78 10.40
CA VAL B 6 23.94 1.14 9.30
C VAL B 6 23.48 0.43 8.03
N ILE B 7 23.92 0.95 6.88
CA ILE B 7 23.64 0.37 5.56
C ILE B 7 24.85 -0.45 5.14
N THR B 8 24.65 -1.76 4.94
CA THR B 8 25.76 -2.65 4.61
C THR B 8 25.66 -3.24 3.21
N GLY B 9 24.70 -2.81 2.40
CA GLY B 9 24.54 -3.41 1.09
C GLY B 9 23.45 -2.68 0.36
N LEU B 10 23.60 -2.53 -0.95
CA LEU B 10 22.53 -1.90 -1.72
C LEU B 10 22.36 -2.60 -3.06
N GLY B 11 21.18 -2.41 -3.63
CA GLY B 11 20.83 -2.92 -4.94
C GLY B 11 19.85 -1.97 -5.59
N ILE B 12 19.92 -1.86 -6.92
CA ILE B 12 19.07 -0.87 -7.58
C ILE B 12 18.88 -1.27 -9.04
N VAL B 13 17.67 -1.01 -9.54
CA VAL B 13 17.36 -1.09 -10.95
C VAL B 13 16.59 0.19 -11.27
N SER B 14 17.19 1.07 -12.06
CA SER B 14 16.59 2.38 -12.28
C SER B 14 16.76 2.82 -13.72
N SER B 15 16.09 3.92 -14.07
CA SER B 15 16.14 4.43 -15.43
C SER B 15 17.55 4.84 -15.84
N ILE B 16 18.48 4.98 -14.89
CA ILE B 16 19.85 5.37 -15.21
C ILE B 16 20.87 4.29 -14.85
N GLY B 17 20.43 3.06 -14.57
CA GLY B 17 21.43 2.03 -14.33
C GLY B 17 20.80 0.76 -13.78
N ASN B 18 21.31 -0.39 -14.21
CA ASN B 18 20.77 -1.68 -13.78
C ASN B 18 21.50 -2.25 -12.60
N ASN B 19 22.44 -1.51 -12.04
CA ASN B 19 23.14 -1.91 -10.83
C ASN B 19 23.88 -0.67 -10.36
N GLN B 20 24.53 -0.77 -9.20
CA GLN B 20 25.04 0.46 -8.62
C GLN B 20 26.20 1.03 -9.46
N GLN B 21 26.93 0.17 -10.18
N GLN B 21 26.94 0.17 -10.17
CA GLN B 21 28.05 0.65 -10.99
CA GLN B 21 28.05 0.63 -11.00
C GLN B 21 27.55 1.46 -12.18
C GLN B 21 27.53 1.47 -12.17
N GLU B 22 26.56 0.93 -12.91
CA GLU B 22 25.98 1.69 -14.01
C GLU B 22 25.41 3.02 -13.51
N VAL B 23 24.88 3.03 -12.29
CA VAL B 23 24.25 4.23 -11.77
C VAL B 23 25.32 5.27 -11.42
N LEU B 24 26.38 4.82 -10.72
CA LEU B 24 27.52 5.66 -10.38
C LEU B 24 28.05 6.38 -11.60
N ALA B 25 28.17 5.66 -12.71
CA ALA B 25 28.67 6.26 -13.93
C ALA B 25 27.71 7.33 -14.43
N SER B 26 26.41 6.97 -14.53
CA SER B 26 25.39 7.92 -14.93
C SER B 26 25.41 9.17 -14.05
N LEU B 27 25.42 9.00 -12.72
CA LEU B 27 25.38 10.15 -11.83
C LEU B 27 26.53 11.09 -12.14
N ARG B 28 27.76 10.56 -12.22
N ARG B 28 27.76 10.57 -12.21
CA ARG B 28 28.92 11.40 -12.51
CA ARG B 28 28.91 11.42 -12.52
C ARG B 28 28.77 12.14 -13.86
C ARG B 28 28.75 12.15 -13.85
N GLU B 29 28.05 11.56 -14.81
CA GLU B 29 27.97 12.13 -16.15
C GLU B 29 26.71 12.94 -16.39
N GLY B 30 25.79 13.00 -15.44
CA GLY B 30 24.53 13.67 -15.71
C GLY B 30 23.73 13.04 -16.83
N ARG B 31 23.80 11.73 -16.96
CA ARG B 31 23.11 11.04 -18.03
C ARG B 31 21.62 10.85 -17.70
N SER B 32 20.78 11.09 -18.69
N SER B 32 20.78 11.09 -18.70
CA SER B 32 19.34 11.02 -18.57
CA SER B 32 19.34 11.02 -18.55
C SER B 32 18.81 9.62 -18.81
C SER B 32 18.83 9.61 -18.78
N GLY B 33 17.87 9.20 -17.95
CA GLY B 33 17.20 7.94 -18.15
C GLY B 33 15.94 8.07 -18.94
N ILE B 34 15.64 9.26 -19.42
CA ILE B 34 14.33 9.57 -20.00
C ILE B 34 14.34 9.28 -21.48
N THR B 35 13.26 8.67 -21.95
CA THR B 35 13.09 8.27 -23.34
C THR B 35 11.62 8.42 -23.69
N PHE B 36 11.37 8.38 -24.98
CA PHE B 36 10.04 8.53 -25.55
C PHE B 36 9.30 7.21 -25.43
N SER B 37 8.02 7.29 -25.09
CA SER B 37 7.22 6.10 -24.87
C SER B 37 6.08 6.04 -25.88
N GLN B 38 6.22 5.15 -26.87
CA GLN B 38 5.12 4.87 -27.78
C GLN B 38 3.93 4.22 -27.06
N GLU B 39 4.13 3.70 -25.85
CA GLU B 39 3.00 3.23 -25.05
C GLU B 39 2.21 4.40 -24.46
N LEU B 40 2.90 5.42 -23.97
CA LEU B 40 2.15 6.54 -23.41
C LEU B 40 1.34 7.22 -24.51
N LYS B 41 1.96 7.44 -25.69
CA LYS B 41 1.26 8.10 -26.78
C LYS B 41 0.09 7.25 -27.27
N ASP B 42 0.31 5.95 -27.48
CA ASP B 42 -0.78 5.10 -27.94
C ASP B 42 -1.98 5.12 -26.99
N SER B 43 -1.78 5.44 -25.71
CA SER B 43 -2.86 5.37 -24.74
C SER B 43 -3.78 6.58 -24.81
N GLY B 44 -3.26 7.72 -25.28
CA GLY B 44 -4.05 8.91 -25.46
C GLY B 44 -3.50 10.04 -24.63
N MET B 45 -2.35 9.82 -24.02
CA MET B 45 -1.86 10.80 -23.08
C MET B 45 -1.20 11.96 -23.79
N ARG B 46 -0.94 13.01 -23.01
CA ARG B 46 -0.21 14.19 -23.44
C ARG B 46 1.25 14.18 -22.97
N SER B 47 1.60 13.31 -22.04
CA SER B 47 2.99 13.03 -21.69
C SER B 47 3.44 11.80 -22.45
N HIS B 48 4.53 11.92 -23.19
CA HIS B 48 5.05 10.82 -24.00
C HIS B 48 6.48 10.47 -23.61
N VAL B 49 6.93 10.93 -22.45
CA VAL B 49 8.26 10.61 -21.93
C VAL B 49 8.11 9.69 -20.72
N TRP B 50 9.23 9.08 -20.31
CA TRP B 50 9.29 8.30 -19.07
C TRP B 50 10.71 7.81 -18.81
N GLY B 51 11.01 7.56 -17.54
CA GLY B 51 12.25 6.92 -17.17
C GLY B 51 12.05 5.43 -17.09
N ASN B 52 12.24 4.73 -18.21
CA ASN B 52 12.05 3.29 -18.25
C ASN B 52 13.30 2.55 -17.82
N VAL B 53 13.09 1.37 -17.26
CA VAL B 53 14.18 0.46 -16.93
C VAL B 53 14.65 -0.19 -18.22
N LYS B 54 15.95 -0.06 -18.52
CA LYS B 54 16.52 -0.51 -19.78
C LYS B 54 17.06 -1.94 -19.65
N LEU B 55 16.12 -2.87 -19.62
CA LEU B 55 16.42 -4.26 -19.34
C LEU B 55 15.19 -5.11 -19.64
N ASP B 56 15.35 -6.13 -20.48
CA ASP B 56 14.29 -7.11 -20.66
C ASP B 56 14.28 -8.07 -19.48
N THR B 57 13.22 -8.02 -18.67
CA THR B 57 13.18 -8.85 -17.47
C THR B 57 12.60 -10.23 -17.72
N THR B 58 12.03 -10.43 -18.91
CA THR B 58 11.46 -11.72 -19.30
C THR B 58 12.40 -12.86 -19.00
N GLY B 59 11.92 -13.81 -18.21
CA GLY B 59 12.72 -14.99 -17.97
C GLY B 59 13.91 -14.80 -17.08
N LEU B 60 14.09 -13.64 -16.44
CA LEU B 60 15.20 -13.46 -15.51
C LEU B 60 14.96 -14.15 -14.16
N ILE B 61 13.73 -14.16 -13.68
CA ILE B 61 13.37 -14.76 -12.40
C ILE B 61 12.70 -16.10 -12.66
N ASP B 62 12.97 -17.06 -11.76
CA ASP B 62 12.38 -18.40 -11.80
C ASP B 62 10.86 -18.39 -11.93
N ARG B 63 10.35 -19.22 -12.84
CA ARG B 63 8.91 -19.32 -13.10
C ARG B 63 8.11 -19.45 -11.81
N LYS B 64 8.59 -20.28 -10.88
CA LYS B 64 7.82 -20.57 -9.68
C LYS B 64 7.63 -19.35 -8.80
N VAL B 65 8.56 -18.39 -8.83
CA VAL B 65 8.36 -17.17 -8.03
C VAL B 65 7.84 -16.01 -8.88
N VAL B 66 8.27 -15.88 -10.14
CA VAL B 66 7.82 -14.73 -10.92
C VAL B 66 6.34 -14.82 -11.25
N ARG B 67 5.73 -16.01 -11.19
CA ARG B 67 4.32 -16.14 -11.52
C ARG B 67 3.43 -15.28 -10.61
N PHE B 68 3.88 -14.91 -9.40
CA PHE B 68 3.13 -14.10 -8.44
C PHE B 68 3.37 -12.60 -8.58
N MET B 69 4.32 -12.18 -9.39
CA MET B 69 4.87 -10.84 -9.27
C MET B 69 4.35 -9.93 -10.37
N SER B 70 4.11 -8.68 -10.00
CA SER B 70 3.98 -7.59 -10.94
C SER B 70 5.36 -6.96 -11.11
N ASP B 71 5.47 -5.94 -11.96
CA ASP B 71 6.81 -5.41 -12.27
C ASP B 71 7.44 -4.74 -11.06
N ALA B 72 6.66 -4.13 -10.18
CA ALA B 72 7.22 -3.52 -8.97
C ALA B 72 7.96 -4.58 -8.17
N SER B 73 7.34 -5.73 -7.99
N SER B 73 7.35 -5.74 -8.01
CA SER B 73 7.98 -6.82 -7.28
CA SER B 73 7.99 -6.82 -7.27
C SER B 73 9.22 -7.31 -8.03
C SER B 73 9.22 -7.30 -8.03
N ILE B 74 9.13 -7.36 -9.35
CA ILE B 74 10.27 -7.81 -10.17
C ILE B 74 11.47 -6.92 -9.92
N TYR B 75 11.28 -5.60 -10.03
CA TYR B 75 12.39 -4.69 -9.83
C TYR B 75 12.90 -4.74 -8.40
N ALA B 76 12.01 -4.80 -7.42
CA ALA B 76 12.48 -4.87 -6.05
C ALA B 76 13.23 -6.17 -5.80
N PHE B 77 12.73 -7.26 -6.38
CA PHE B 77 13.39 -8.56 -6.26
C PHE B 77 14.82 -8.53 -6.81
N LEU B 78 14.97 -8.08 -8.05
CA LEU B 78 16.29 -7.98 -8.65
C LEU B 78 17.21 -7.10 -7.82
N SER B 79 16.69 -5.97 -7.32
CA SER B 79 17.46 -5.12 -6.41
C SER B 79 17.87 -5.89 -5.15
N MET B 80 16.92 -6.63 -4.53
CA MET B 80 17.29 -7.44 -3.36
C MET B 80 18.47 -8.38 -3.60
N GLU B 81 18.45 -9.08 -4.72
CA GLU B 81 19.56 -10.00 -4.99
C GLU B 81 20.87 -9.26 -5.00
N GLN B 82 20.92 -8.08 -5.62
CA GLN B 82 22.18 -7.34 -5.64
C GLN B 82 22.54 -6.88 -4.24
N ALA B 83 21.54 -6.50 -3.44
CA ALA B 83 21.81 -6.02 -2.10
C ALA B 83 22.35 -7.14 -1.23
N ILE B 84 21.81 -8.36 -1.39
CA ILE B 84 22.27 -9.48 -0.60
C ILE B 84 23.72 -9.79 -0.96
N ALA B 85 24.03 -9.73 -2.26
CA ALA B 85 25.39 -9.94 -2.75
C ALA B 85 26.32 -8.87 -2.21
N ASP B 86 25.89 -7.60 -2.29
CA ASP B 86 26.71 -6.49 -1.82
C ASP B 86 27.03 -6.64 -0.33
N ALA B 87 26.03 -7.00 0.47
CA ALA B 87 26.24 -7.13 1.91
C ALA B 87 27.08 -8.34 2.29
N GLY B 88 27.45 -9.19 1.33
CA GLY B 88 28.13 -10.43 1.60
C GLY B 88 27.38 -11.41 2.48
N LEU B 89 26.06 -11.54 2.30
CA LEU B 89 25.25 -12.42 3.14
C LEU B 89 25.02 -13.76 2.44
N SER B 90 25.46 -14.85 3.08
CA SER B 90 25.16 -16.16 2.52
C SER B 90 23.72 -16.56 2.87
N PRO B 91 23.16 -17.52 2.13
CA PRO B 91 21.80 -17.98 2.45
C PRO B 91 21.63 -18.40 3.89
N GLU B 92 22.56 -19.21 4.41
CA GLU B 92 22.56 -19.55 5.82
C GLU B 92 22.52 -18.32 6.72
N ALA B 93 23.01 -17.17 6.26
CA ALA B 93 23.07 -16.02 7.15
C ALA B 93 21.70 -15.36 7.29
N TYR B 94 20.97 -15.16 6.20
CA TYR B 94 19.76 -14.34 6.27
C TYR B 94 18.49 -15.15 6.13
N GLN B 95 18.55 -16.41 5.68
CA GLN B 95 17.35 -17.19 5.47
C GLN B 95 16.90 -17.90 6.74
N ASN B 96 15.59 -18.09 6.88
CA ASN B 96 15.02 -18.87 7.98
C ASN B 96 15.47 -18.34 9.35
N ASN B 97 15.64 -17.03 9.41
CA ASN B 97 16.15 -16.38 10.60
C ASN B 97 15.14 -15.36 11.11
N PRO B 98 14.72 -15.52 12.36
N PRO B 98 14.71 -15.52 12.37
CA PRO B 98 13.70 -14.62 12.91
CA PRO B 98 13.69 -14.62 12.90
C PRO B 98 14.20 -13.21 13.22
C PRO B 98 14.20 -13.21 13.21
N ARG B 99 15.50 -12.99 13.09
CA ARG B 99 16.05 -11.65 13.34
C ARG B 99 16.32 -10.90 12.02
N VAL B 100 15.91 -11.49 10.91
CA VAL B 100 16.10 -10.87 9.60
C VAL B 100 14.71 -10.65 9.01
N GLY B 101 14.44 -9.42 8.59
CA GLY B 101 13.11 -9.02 8.15
C GLY B 101 13.12 -8.27 6.82
N LEU B 102 11.96 -7.77 6.41
CA LEU B 102 11.86 -7.06 5.14
C LEU B 102 10.71 -6.09 5.19
N ILE B 103 10.96 -4.82 4.86
CA ILE B 103 9.90 -3.80 4.74
C ILE B 103 10.08 -3.10 3.39
N ALA B 104 9.18 -3.32 2.47
CA ALA B 104 9.36 -2.78 1.13
C ALA B 104 7.99 -2.60 0.48
N GLY B 105 7.78 -1.49 -0.24
CA GLY B 105 6.46 -1.17 -0.73
C GLY B 105 6.48 -0.54 -2.11
N SER B 106 5.27 -0.25 -2.59
CA SER B 106 5.05 0.48 -3.83
C SER B 106 3.97 1.54 -3.58
N GLY B 107 3.97 2.58 -4.40
CA GLY B 107 2.93 3.57 -4.30
C GLY B 107 1.56 3.06 -4.72
N GLY B 108 1.52 2.15 -5.69
CA GLY B 108 0.24 1.80 -6.26
C GLY B 108 -0.05 0.34 -6.53
N GLY B 109 0.71 -0.57 -5.92
CA GLY B 109 0.44 -1.98 -6.19
C GLY B 109 0.70 -2.24 -7.67
N SER B 110 -0.31 -2.74 -8.39
CA SER B 110 -0.21 -2.90 -9.84
C SER B 110 -1.48 -2.48 -10.54
N PRO B 111 -1.59 -1.20 -10.91
CA PRO B 111 -2.71 -0.80 -11.77
C PRO B 111 -2.83 -1.65 -13.01
N ARG B 112 -1.71 -2.03 -13.63
CA ARG B 112 -1.80 -2.83 -14.84
C ARG B 112 -2.54 -4.14 -14.58
N PHE B 113 -2.21 -4.84 -13.49
CA PHE B 113 -2.87 -6.12 -13.31
C PHE B 113 -4.26 -6.03 -12.66
N GLN B 114 -4.57 -4.97 -11.89
CA GLN B 114 -5.97 -4.76 -11.50
C GLN B 114 -6.85 -4.56 -12.75
N VAL B 115 -6.34 -3.80 -13.73
CA VAL B 115 -7.05 -3.57 -14.99
C VAL B 115 -7.14 -4.85 -15.80
N PHE B 116 -6.01 -5.56 -15.95
CA PHE B 116 -6.06 -6.86 -16.62
C PHE B 116 -7.15 -7.74 -16.06
N GLY B 117 -7.19 -7.88 -14.74
CA GLY B 117 -8.10 -8.82 -14.11
C GLY B 117 -9.55 -8.46 -14.41
N ALA B 118 -9.86 -7.17 -14.37
CA ALA B 118 -11.23 -6.76 -14.68
C ALA B 118 -11.53 -6.92 -16.16
N ASP B 119 -10.56 -6.60 -17.03
CA ASP B 119 -10.79 -6.73 -18.48
C ASP B 119 -11.04 -8.18 -18.83
N ALA B 120 -10.36 -9.09 -18.14
CA ALA B 120 -10.49 -10.52 -18.41
C ALA B 120 -11.78 -11.08 -17.83
N MET B 121 -12.19 -10.63 -16.64
CA MET B 121 -13.49 -10.98 -16.11
C MET B 121 -14.62 -10.64 -17.07
N ARG B 122 -14.56 -9.47 -17.63
CA ARG B 122 -15.66 -9.01 -18.46
C ARG B 122 -15.67 -9.59 -19.87
N GLY B 123 -14.77 -10.50 -20.17
CA GLY B 123 -14.67 -11.05 -21.50
C GLY B 123 -15.35 -12.37 -21.60
N PRO B 124 -15.21 -13.01 -22.74
CA PRO B 124 -15.95 -14.26 -22.91
C PRO B 124 -15.61 -15.36 -21.95
N ARG B 125 -14.39 -15.43 -21.47
CA ARG B 125 -14.01 -16.56 -20.64
C ARG B 125 -14.32 -16.36 -19.13
N GLY B 126 -14.46 -15.12 -18.68
CA GLY B 126 -14.86 -14.91 -17.28
C GLY B 126 -13.70 -15.20 -16.33
N LEU B 127 -14.01 -15.96 -15.28
CA LEU B 127 -12.98 -16.35 -14.32
C LEU B 127 -11.82 -17.06 -15.00
N LYS B 128 -12.15 -17.89 -16.01
CA LYS B 128 -11.15 -18.70 -16.67
C LYS B 128 -10.06 -17.85 -17.30
N ALA B 129 -10.35 -16.61 -17.61
CA ALA B 129 -9.34 -15.72 -18.17
C ALA B 129 -8.58 -14.95 -17.12
N VAL B 130 -9.09 -14.89 -15.90
CA VAL B 130 -8.47 -14.09 -14.85
C VAL B 130 -7.18 -14.76 -14.38
N GLY B 131 -7.24 -16.05 -14.10
CA GLY B 131 -6.08 -16.74 -13.58
C GLY B 131 -6.01 -16.64 -12.07
N PRO B 132 -5.26 -17.55 -11.45
CA PRO B 132 -5.15 -17.55 -9.99
C PRO B 132 -4.06 -16.63 -9.42
N TYR B 133 -3.44 -15.78 -10.23
CA TYR B 133 -2.26 -15.04 -9.78
C TYR B 133 -2.45 -13.53 -9.70
N VAL B 134 -3.65 -13.00 -9.93
CA VAL B 134 -3.82 -11.55 -9.96
C VAL B 134 -3.73 -10.94 -8.57
N VAL B 135 -4.26 -11.63 -7.56
CA VAL B 135 -4.29 -11.05 -6.20
C VAL B 135 -2.90 -10.64 -5.75
N THR B 136 -1.92 -11.55 -5.83
CA THR B 136 -0.58 -11.17 -5.40
C THR B 136 0.06 -10.15 -6.33
N LYS B 137 -0.39 -10.03 -7.60
CA LYS B 137 0.23 -8.96 -8.36
C LYS B 137 -0.42 -7.62 -8.05
N ALA B 138 -1.68 -7.63 -7.67
CA ALA B 138 -2.41 -6.39 -7.47
C ALA B 138 -2.41 -5.88 -6.03
N MET B 139 -2.22 -6.73 -5.01
CA MET B 139 -2.35 -6.22 -3.64
C MET B 139 -1.27 -5.17 -3.38
N ALA B 140 -1.59 -4.21 -2.51
CA ALA B 140 -0.62 -3.16 -2.21
C ALA B 140 0.66 -3.72 -1.58
N SER B 141 0.59 -4.88 -0.92
CA SER B 141 1.74 -5.49 -0.28
C SER B 141 2.51 -6.47 -1.20
N GLY B 142 2.25 -6.45 -2.52
CA GLY B 142 2.96 -7.36 -3.41
C GLY B 142 4.47 -7.32 -3.26
N VAL B 143 5.06 -6.13 -3.20
CA VAL B 143 6.52 -6.04 -3.12
C VAL B 143 7.06 -6.80 -1.91
N SER B 144 6.41 -6.70 -0.75
CA SER B 144 7.00 -7.39 0.39
C SER B 144 6.66 -8.87 0.36
N ALA B 145 5.43 -9.21 -0.03
CA ALA B 145 5.00 -10.60 -0.04
C ALA B 145 5.81 -11.43 -1.05
N CYS B 146 6.03 -10.90 -2.25
CA CYS B 146 6.71 -11.61 -3.32
C CYS B 146 8.22 -11.73 -3.11
N LEU B 147 8.78 -10.98 -2.18
CA LEU B 147 10.18 -11.11 -1.83
C LEU B 147 10.38 -11.90 -0.54
N ALA B 148 9.60 -11.58 0.52
CA ALA B 148 9.76 -12.27 1.80
C ALA B 148 9.66 -13.79 1.62
N THR B 149 8.77 -14.23 0.72
CA THR B 149 8.52 -15.66 0.56
C THR B 149 9.70 -16.38 -0.10
N PRO B 150 10.12 -16.04 -1.33
CA PRO B 150 11.26 -16.78 -1.93
C PRO B 150 12.59 -16.56 -1.22
N PHE B 151 12.76 -15.46 -0.52
CA PHE B 151 14.01 -15.27 0.19
C PHE B 151 13.97 -15.84 1.60
N LYS B 152 12.88 -16.51 1.96
CA LYS B 152 12.82 -17.28 3.21
C LYS B 152 12.93 -16.40 4.43
N ILE B 153 12.41 -15.17 4.33
CA ILE B 153 12.41 -14.22 5.44
C ILE B 153 11.47 -14.71 6.54
N HIS B 154 11.98 -14.71 7.77
CA HIS B 154 11.22 -15.15 8.94
C HIS B 154 10.90 -14.02 9.91
N GLY B 155 11.52 -12.88 9.77
CA GLY B 155 11.25 -11.76 10.64
C GLY B 155 10.07 -10.88 10.20
N VAL B 156 10.15 -9.60 10.47
CA VAL B 156 9.11 -8.69 10.03
C VAL B 156 8.86 -8.79 8.53
N ASN B 157 7.62 -8.67 8.14
CA ASN B 157 7.26 -8.75 6.74
C ASN B 157 6.00 -7.91 6.46
N TYR B 158 6.19 -6.75 5.88
CA TYR B 158 5.08 -5.90 5.48
C TYR B 158 5.59 -4.76 4.61
N SER B 159 4.65 -4.06 3.99
CA SER B 159 4.94 -2.91 3.17
C SER B 159 4.51 -1.65 3.89
N ILE B 160 5.18 -0.56 3.58
N ILE B 160 5.23 -0.59 3.64
CA ILE B 160 4.68 0.76 3.95
CA ILE B 160 4.72 0.75 3.89
C ILE B 160 4.41 1.53 2.68
C ILE B 160 4.30 1.35 2.57
N SER B 161 3.22 2.12 2.60
CA SER B 161 2.77 2.89 1.46
C SER B 161 2.57 4.30 1.97
N SER B 162 3.18 5.25 1.28
CA SER B 162 2.96 6.65 1.56
C SER B 162 3.25 7.44 0.28
N ALA B 163 2.58 7.05 -0.80
CA ALA B 163 2.69 7.75 -2.09
C ALA B 163 4.18 7.87 -2.44
N CYS B 164 4.68 9.04 -2.79
CA CYS B 164 6.04 9.17 -3.25
C CYS B 164 7.04 9.28 -2.09
N ALA B 165 6.61 9.08 -0.85
CA ALA B 165 7.53 8.88 0.26
C ALA B 165 7.69 7.42 0.64
N THR B 166 7.01 6.53 -0.09
CA THR B 166 6.84 5.15 0.30
C THR B 166 8.12 4.47 0.74
N SER B 167 9.14 4.44 -0.12
CA SER B 167 10.31 3.64 0.22
C SER B 167 11.21 4.33 1.21
N ALA B 168 11.06 5.65 1.41
CA ALA B 168 11.86 6.26 2.48
C ALA B 168 11.27 5.94 3.85
N HIS B 169 9.93 5.89 3.97
CA HIS B 169 9.34 5.41 5.21
C HIS B 169 9.70 3.95 5.47
N CYS B 170 9.76 3.12 4.42
CA CYS B 170 10.25 1.74 4.61
C CYS B 170 11.64 1.70 5.27
N ILE B 171 12.57 2.49 4.74
CA ILE B 171 13.92 2.54 5.31
C ILE B 171 13.85 3.01 6.75
N GLY B 172 13.07 4.05 7.01
CA GLY B 172 12.98 4.58 8.35
C GLY B 172 12.38 3.57 9.33
N ASN B 173 11.37 2.86 8.88
N ASN B 173 11.33 2.89 8.89
CA ASN B 173 10.73 1.89 9.75
CA ASN B 173 10.70 1.88 9.74
C ASN B 173 11.67 0.72 10.00
C ASN B 173 11.64 0.71 9.99
N ALA B 174 12.47 0.39 9.01
CA ALA B 174 13.46 -0.67 9.19
C ALA B 174 14.47 -0.28 10.25
N VAL B 175 14.89 0.99 10.26
CA VAL B 175 15.82 1.52 11.26
C VAL B 175 15.21 1.41 12.66
N GLU B 176 13.92 1.72 12.80
CA GLU B 176 13.26 1.64 14.10
C GLU B 176 13.22 0.20 14.60
N GLN B 177 13.00 -0.77 13.71
CA GLN B 177 13.11 -2.16 14.10
C GLN B 177 14.49 -2.47 14.67
N ILE B 178 15.55 -2.01 14.00
CA ILE B 178 16.89 -2.23 14.53
C ILE B 178 17.02 -1.54 15.88
N GLN B 179 16.56 -0.28 15.96
CA GLN B 179 16.68 0.52 17.17
C GLN B 179 16.02 -0.15 18.37
N LEU B 180 14.83 -0.68 18.17
CA LEU B 180 14.07 -1.39 19.18
C LEU B 180 14.66 -2.74 19.56
N GLY B 181 15.74 -3.15 18.89
CA GLY B 181 16.31 -4.47 19.08
C GLY B 181 15.45 -5.63 18.62
N LYS B 182 14.47 -5.39 17.76
N LYS B 182 14.46 -5.37 17.77
CA LYS B 182 13.59 -6.45 17.28
CA LYS B 182 13.59 -6.47 17.32
C LYS B 182 14.22 -7.27 16.15
C LYS B 182 14.21 -7.26 16.16
N GLN B 183 15.03 -6.62 15.33
CA GLN B 183 15.68 -7.29 14.20
C GLN B 183 17.18 -6.97 14.19
N ASP B 184 17.97 -7.88 13.62
CA ASP B 184 19.39 -7.68 13.34
C ASP B 184 19.63 -7.11 11.95
N ILE B 185 18.83 -7.57 10.99
CA ILE B 185 18.87 -7.10 9.62
C ILE B 185 17.44 -6.89 9.14
N VAL B 186 17.20 -5.81 8.40
CA VAL B 186 15.96 -5.66 7.66
C VAL B 186 16.32 -5.16 6.27
N PHE B 187 15.90 -5.89 5.26
CA PHE B 187 15.93 -5.41 3.88
C PHE B 187 14.82 -4.39 3.68
N ALA B 188 15.17 -3.21 3.19
CA ALA B 188 14.25 -2.09 3.10
C ALA B 188 14.34 -1.45 1.72
N GLY B 189 13.19 -1.05 1.16
CA GLY B 189 13.19 -0.44 -0.15
C GLY B 189 11.84 -0.48 -0.81
N GLY B 190 11.83 -0.68 -2.13
CA GLY B 190 10.56 -0.79 -2.81
C GLY B 190 10.73 -0.87 -4.32
N GLY B 191 9.60 -0.79 -4.99
CA GLY B 191 9.59 -0.83 -6.44
C GLY B 191 8.30 -0.22 -6.94
N GLU B 192 8.27 0.06 -8.24
CA GLU B 192 7.10 0.66 -8.88
C GLU B 192 7.08 0.24 -10.33
N GLU B 193 5.92 -0.20 -10.81
CA GLU B 193 5.73 -0.52 -12.22
C GLU B 193 5.61 0.78 -13.03
N LEU B 194 5.75 0.64 -14.34
CA LEU B 194 5.72 1.77 -15.26
C LEU B 194 4.72 1.40 -16.34
N CYS B 195 3.58 2.11 -16.38
CA CYS B 195 2.46 1.71 -17.23
C CYS B 195 1.54 2.89 -17.48
N TRP B 196 0.87 2.87 -18.64
CA TRP B 196 -0.10 3.94 -18.91
C TRP B 196 -1.27 3.92 -17.91
N GLU B 197 -1.68 2.71 -17.47
CA GLU B 197 -2.82 2.56 -16.54
C GLU B 197 -2.73 3.51 -15.36
N MET B 198 -1.52 3.76 -14.86
CA MET B 198 -1.29 4.65 -13.73
C MET B 198 -0.76 6.02 -14.13
N ALA B 199 0.02 6.08 -15.21
CA ALA B 199 0.48 7.34 -15.76
C ALA B 199 -0.70 8.25 -16.14
N CYS B 200 -1.73 7.68 -16.77
CA CYS B 200 -2.80 8.51 -17.34
C CYS B 200 -3.58 9.23 -16.24
N GLU B 201 -3.71 8.60 -15.08
CA GLU B 201 -4.32 9.25 -13.93
C GLU B 201 -3.50 10.43 -13.45
N PHE B 202 -2.18 10.38 -13.62
CA PHE B 202 -1.41 11.57 -13.25
C PHE B 202 -1.57 12.65 -14.31
N ASP B 203 -1.71 12.26 -15.56
CA ASP B 203 -1.91 13.24 -16.61
C ASP B 203 -3.24 13.95 -16.41
N ALA B 204 -4.27 13.21 -16.00
CA ALA B 204 -5.59 13.80 -15.78
C ALA B 204 -5.60 14.87 -14.70
N MET B 205 -4.66 14.85 -13.76
CA MET B 205 -4.46 16.02 -12.91
C MET B 205 -3.48 17.01 -13.49
N GLY B 206 -3.06 16.82 -14.73
CA GLY B 206 -2.07 17.73 -15.29
C GLY B 206 -0.80 17.84 -14.48
N ALA B 207 -0.34 16.72 -13.90
CA ALA B 207 0.89 16.73 -13.12
C ALA B 207 2.12 16.33 -13.92
N LEU B 208 1.97 15.72 -15.10
CA LEU B 208 3.09 15.24 -15.90
C LEU B 208 3.56 16.29 -16.90
N SER B 209 4.68 15.99 -17.58
CA SER B 209 5.24 16.89 -18.58
C SER B 209 4.59 16.66 -19.94
N THR B 210 4.16 17.76 -20.56
CA THR B 210 3.42 17.72 -21.81
C THR B 210 4.17 18.37 -22.96
N LYS B 211 5.02 19.32 -22.68
CA LYS B 211 5.62 20.08 -23.75
C LYS B 211 6.82 19.51 -24.51
N TYR B 212 7.59 18.61 -23.90
CA TYR B 212 8.84 18.11 -24.50
C TYR B 212 8.79 16.68 -25.02
N ASN B 213 7.66 16.26 -25.55
CA ASN B 213 7.55 14.93 -26.09
C ASN B 213 8.51 14.72 -27.26
N ASP B 214 9.00 15.82 -27.80
CA ASP B 214 9.94 15.74 -28.90
C ASP B 214 11.39 15.81 -28.42
N THR B 215 11.61 16.06 -27.14
CA THR B 215 12.99 16.22 -26.66
C THR B 215 13.08 15.52 -25.29
N PRO B 216 12.91 14.20 -25.27
CA PRO B 216 12.64 13.50 -23.98
C PRO B 216 13.62 13.82 -22.87
N GLU B 217 14.91 13.84 -23.17
CA GLU B 217 15.92 14.07 -22.12
C GLU B 217 15.86 15.45 -21.51
N LYS B 218 14.97 16.32 -21.96
CA LYS B 218 14.88 17.66 -21.39
C LYS B 218 13.60 17.87 -20.59
N ALA B 219 12.64 16.94 -20.67
CA ALA B 219 11.33 17.15 -20.07
C ALA B 219 11.41 17.26 -18.56
N SER B 220 12.13 16.36 -17.91
CA SER B 220 12.40 16.51 -16.49
C SER B 220 13.50 17.54 -16.30
N ARG B 221 13.17 18.64 -15.60
CA ARG B 221 14.05 19.81 -15.58
C ARG B 221 13.78 20.58 -14.28
N THR B 222 14.14 19.97 -13.16
CA THR B 222 13.81 20.52 -11.84
C THR B 222 14.47 21.88 -11.63
N TYR B 223 13.70 22.83 -11.08
CA TYR B 223 14.08 24.21 -10.77
C TYR B 223 14.19 25.12 -11.98
N ASP B 224 13.74 24.67 -13.15
CA ASP B 224 13.78 25.48 -14.34
C ASP B 224 12.44 26.12 -14.67
N ALA B 225 12.52 27.41 -15.03
CA ALA B 225 11.34 28.25 -15.22
C ALA B 225 10.29 27.61 -16.12
N HIS B 226 10.68 26.78 -17.08
CA HIS B 226 9.72 26.22 -18.01
C HIS B 226 9.46 24.73 -17.75
N ARG B 227 9.68 24.27 -16.53
CA ARG B 227 9.23 22.95 -16.12
C ARG B 227 7.71 22.87 -16.20
N ASP B 228 7.19 21.75 -16.71
CA ASP B 228 5.74 21.63 -16.86
C ASP B 228 5.19 20.36 -16.23
N GLY B 229 5.77 19.91 -15.13
CA GLY B 229 5.35 18.68 -14.47
C GLY B 229 6.47 17.65 -14.41
N PHE B 230 6.13 16.49 -13.85
CA PHE B 230 7.18 15.50 -13.63
C PHE B 230 7.15 14.44 -14.71
N VAL B 231 8.29 13.76 -14.85
CA VAL B 231 8.44 12.62 -15.77
C VAL B 231 8.33 11.34 -14.97
N ILE B 232 7.30 10.56 -15.27
CA ILE B 232 7.06 9.33 -14.53
C ILE B 232 8.14 8.29 -14.87
N ALA B 233 8.52 7.51 -13.86
CA ALA B 233 9.55 6.49 -14.03
C ALA B 233 9.17 5.23 -13.25
N GLY B 234 9.86 4.13 -13.58
CA GLY B 234 9.66 2.89 -12.88
C GLY B 234 11.01 2.37 -12.40
N GLY B 235 10.95 1.30 -11.61
CA GLY B 235 12.17 0.67 -11.13
C GLY B 235 12.12 0.23 -9.67
N GLY B 236 13.28 0.12 -9.04
CA GLY B 236 13.34 -0.54 -7.74
C GLY B 236 14.66 -0.28 -7.07
N GLY B 237 14.68 -0.52 -5.76
CA GLY B 237 15.90 -0.34 -4.99
C GLY B 237 15.78 -1.08 -3.68
N MET B 238 16.92 -1.45 -3.12
CA MET B 238 16.84 -2.12 -1.84
C MET B 238 18.14 -1.87 -1.09
N VAL B 239 18.04 -1.66 0.22
CA VAL B 239 19.23 -1.52 1.04
C VAL B 239 19.13 -2.50 2.20
N VAL B 240 20.29 -2.83 2.75
CA VAL B 240 20.38 -3.74 3.89
C VAL B 240 20.62 -2.87 5.10
N VAL B 241 19.59 -2.71 5.92
CA VAL B 241 19.69 -2.01 7.19
C VAL B 241 20.06 -3.02 8.25
N GLU B 242 21.16 -2.78 8.96
CA GLU B 242 21.76 -3.73 9.88
C GLU B 242 22.16 -3.06 11.19
N GLU B 243 21.97 -3.76 12.30
CA GLU B 243 22.44 -3.26 13.59
C GLU B 243 23.97 -3.18 13.63
N LEU B 244 24.50 -2.12 14.27
CA LEU B 244 25.91 -1.78 14.11
C LEU B 244 26.83 -2.85 14.69
N GLU B 245 26.59 -3.28 15.93
CA GLU B 245 27.39 -4.36 16.51
C GLU B 245 27.34 -5.62 15.65
N HIS B 246 26.19 -5.92 15.09
CA HIS B 246 26.08 -7.14 14.29
C HIS B 246 26.90 -7.02 13.01
N ALA B 247 26.90 -5.83 12.40
CA ALA B 247 27.67 -5.59 11.19
C ALA B 247 29.18 -5.65 11.46
N LEU B 248 29.62 -5.05 12.57
CA LEU B 248 31.03 -5.09 12.90
C LEU B 248 31.51 -6.50 13.17
N ALA B 249 30.74 -7.27 13.92
CA ALA B 249 31.23 -8.59 14.30
C ALA B 249 31.40 -9.51 13.11
N ARG B 250 30.63 -9.29 12.04
CA ARG B 250 30.69 -10.16 10.87
C ARG B 250 31.63 -9.62 9.79
N GLY B 251 32.26 -8.47 10.04
CA GLY B 251 33.18 -7.92 9.07
C GLY B 251 32.53 -7.24 7.88
N ALA B 252 31.35 -6.66 8.05
CA ALA B 252 30.63 -6.13 6.90
C ALA B 252 31.22 -4.81 6.40
N HIS B 253 31.00 -4.51 5.13
CA HIS B 253 31.27 -3.16 4.62
C HIS B 253 30.11 -2.25 5.03
N ILE B 254 30.43 -1.15 5.69
CA ILE B 254 29.44 -0.18 6.12
C ILE B 254 29.58 1.05 5.23
N TYR B 255 28.57 1.30 4.40
CA TYR B 255 28.47 2.57 3.71
C TYR B 255 28.33 3.72 4.70
N ALA B 256 27.29 3.67 5.54
CA ALA B 256 26.99 4.79 6.43
C ALA B 256 26.03 4.33 7.52
N GLU B 257 25.98 5.11 8.59
CA GLU B 257 24.98 4.98 9.63
C GLU B 257 23.78 5.86 9.31
N ILE B 258 22.59 5.39 9.64
CA ILE B 258 21.42 6.26 9.55
C ILE B 258 21.32 6.99 10.88
N VAL B 259 21.69 8.28 10.87
CA VAL B 259 21.70 9.08 12.10
C VAL B 259 20.42 9.85 12.31
N GLY B 260 19.58 9.98 11.27
CA GLY B 260 18.33 10.67 11.41
C GLY B 260 17.26 10.18 10.48
N TYR B 261 16.04 10.14 10.99
CA TYR B 261 14.85 9.76 10.22
C TYR B 261 13.72 10.64 10.71
N GLY B 262 13.15 11.42 9.81
CA GLY B 262 11.99 12.24 10.09
C GLY B 262 10.77 11.71 9.34
N ALA B 263 9.62 11.69 10.02
CA ALA B 263 8.35 11.41 9.36
C ALA B 263 7.31 12.33 9.98
N THR B 264 6.73 13.21 9.16
CA THR B 264 5.72 14.14 9.64
C THR B 264 4.57 14.18 8.65
N SER B 265 3.58 15.00 8.96
CA SER B 265 2.35 15.10 8.21
C SER B 265 1.99 16.57 8.10
N ASP B 266 1.50 16.98 6.94
CA ASP B 266 1.19 18.39 6.72
C ASP B 266 -0.13 18.74 7.41
N GLY B 267 -1.14 17.89 7.23
CA GLY B 267 -2.47 18.17 7.71
C GLY B 267 -3.00 19.45 7.10
N ALA B 268 -2.98 19.52 5.77
CA ALA B 268 -3.29 20.76 5.06
C ALA B 268 -4.02 20.48 3.75
N ASP B 269 -3.28 20.34 2.64
CA ASP B 269 -3.89 20.12 1.35
C ASP B 269 -3.54 18.72 0.83
N MET B 270 -4.45 18.14 0.05
CA MET B 270 -4.32 16.76 -0.38
C MET B 270 -3.30 16.56 -1.50
N VAL B 271 -2.98 17.61 -2.27
CA VAL B 271 -2.12 17.48 -3.45
C VAL B 271 -0.98 18.47 -3.48
N ALA B 272 -1.05 19.60 -2.76
CA ALA B 272 0.05 20.56 -2.67
C ALA B 272 0.67 20.49 -1.29
N PRO B 273 1.98 20.60 -1.20
CA PRO B 273 2.64 20.59 0.12
C PRO B 273 2.40 21.89 0.85
N SER B 274 2.82 21.89 2.11
CA SER B 274 2.72 23.05 2.98
C SER B 274 4.05 23.63 3.40
N GLY B 275 5.13 22.91 3.19
CA GLY B 275 6.43 23.37 3.62
C GLY B 275 6.60 23.26 5.08
N GLU B 276 5.54 23.56 5.81
CA GLU B 276 5.57 23.44 7.25
C GLU B 276 5.82 21.99 7.65
N GLY B 277 5.15 21.04 7.00
CA GLY B 277 5.49 19.66 7.34
C GLY B 277 6.96 19.35 7.07
N ALA B 278 7.44 19.73 5.88
CA ALA B 278 8.83 19.48 5.50
C ALA B 278 9.81 20.09 6.49
N VAL B 279 9.57 21.33 6.94
CA VAL B 279 10.46 21.95 7.92
C VAL B 279 10.64 21.05 9.12
N ARG B 280 9.53 20.64 9.74
CA ARG B 280 9.62 19.77 10.92
C ARG B 280 10.27 18.43 10.58
N CYS B 281 9.99 17.92 9.37
CA CYS B 281 10.55 16.65 8.98
C CYS B 281 12.08 16.69 8.93
N MET B 282 12.64 17.66 8.18
CA MET B 282 14.11 17.77 8.17
C MET B 282 14.66 18.06 9.56
N LYS B 283 14.02 18.97 10.28
CA LYS B 283 14.41 19.23 11.66
C LYS B 283 14.43 17.96 12.50
N MET B 284 13.42 17.10 12.37
CA MET B 284 13.42 15.96 13.30
C MET B 284 14.47 14.94 12.88
N ALA B 285 14.81 14.90 11.58
CA ALA B 285 15.91 14.05 11.10
C ALA B 285 17.28 14.56 11.54
N MET B 286 17.46 15.90 11.62
CA MET B 286 18.74 16.47 12.06
C MET B 286 18.86 16.54 13.57
N HIS B 287 17.79 16.24 14.30
CA HIS B 287 17.84 16.32 15.75
C HIS B 287 18.95 15.44 16.30
N GLY B 288 19.81 16.02 17.14
CA GLY B 288 20.94 15.32 17.70
C GLY B 288 22.08 15.03 16.75
N VAL B 289 22.01 15.49 15.49
CA VAL B 289 23.07 15.23 14.53
C VAL B 289 24.02 16.42 14.60
N ASP B 290 25.18 16.20 15.19
CA ASP B 290 26.16 17.24 15.49
C ASP B 290 27.11 17.57 14.33
N THR B 291 26.82 17.16 13.11
CA THR B 291 27.59 17.56 11.94
C THR B 291 26.65 18.18 10.93
N PRO B 292 27.16 19.03 10.05
CA PRO B 292 26.29 19.70 9.08
C PRO B 292 25.98 18.82 7.90
N ILE B 293 24.86 19.15 7.25
CA ILE B 293 24.47 18.48 6.01
C ILE B 293 25.41 18.98 4.92
N ASP B 294 26.27 18.09 4.41
CA ASP B 294 27.17 18.42 3.31
C ASP B 294 26.48 18.40 1.97
N TYR B 295 25.48 17.54 1.81
CA TYR B 295 24.74 17.46 0.58
C TYR B 295 23.31 17.03 0.91
N LEU B 296 22.37 17.54 0.11
CA LEU B 296 20.96 17.29 0.30
C LEU B 296 20.37 16.90 -1.04
N ASN B 297 19.94 15.64 -1.14
CA ASN B 297 19.16 15.17 -2.29
C ASN B 297 17.72 15.61 -2.09
N SER B 298 17.30 16.59 -2.87
CA SER B 298 15.98 17.15 -2.75
C SER B 298 14.96 16.15 -3.28
N HIS B 299 13.70 16.39 -2.98
CA HIS B 299 12.64 15.61 -3.62
C HIS B 299 12.44 16.04 -5.07
N GLY B 300 12.53 17.35 -5.34
CA GLY B 300 12.44 17.90 -6.68
C GLY B 300 11.95 17.19 -7.89
N THR B 301 10.68 17.31 -8.17
CA THR B 301 10.09 16.55 -9.23
C THR B 301 9.91 17.27 -10.55
N SER B 302 10.41 18.50 -10.68
CA SER B 302 10.17 19.35 -11.85
C SER B 302 8.71 19.79 -11.96
N THR B 303 8.02 19.95 -10.77
CA THR B 303 6.68 20.52 -10.82
C THR B 303 6.74 22.02 -10.50
N PRO B 304 5.82 22.80 -11.08
CA PRO B 304 5.69 24.22 -10.70
C PRO B 304 5.64 24.44 -9.20
N VAL B 305 4.71 23.77 -8.53
CA VAL B 305 4.45 24.01 -7.11
C VAL B 305 5.49 23.33 -6.23
N GLY B 306 5.82 22.06 -6.52
CA GLY B 306 6.64 21.29 -5.60
C GLY B 306 8.02 21.90 -5.34
N ASP B 307 8.73 22.26 -6.41
CA ASP B 307 10.14 22.60 -6.26
C ASP B 307 10.30 23.81 -5.33
N VAL B 308 9.42 24.80 -5.48
CA VAL B 308 9.54 26.04 -4.70
C VAL B 308 9.29 25.79 -3.21
N LYS B 309 8.17 25.12 -2.87
CA LYS B 309 7.87 24.89 -1.45
C LYS B 309 9.00 24.19 -0.73
N GLU B 310 9.74 23.31 -1.41
CA GLU B 310 10.80 22.60 -0.70
C GLU B 310 12.02 23.50 -0.51
N LEU B 311 12.36 24.31 -1.51
CA LEU B 311 13.41 25.31 -1.32
C LEU B 311 13.04 26.28 -0.20
N ALA B 312 11.78 26.70 -0.14
CA ALA B 312 11.34 27.53 0.99
C ALA B 312 11.63 26.84 2.32
N ALA B 313 11.20 25.58 2.45
CA ALA B 313 11.45 24.85 3.68
C ALA B 313 12.93 24.64 3.92
N ILE B 314 13.69 24.37 2.86
CA ILE B 314 15.14 24.24 3.02
C ILE B 314 15.71 25.53 3.58
N ARG B 315 15.29 26.67 3.02
CA ARG B 315 15.77 27.98 3.49
C ARG B 315 15.45 28.20 4.98
N GLU B 316 14.26 27.82 5.43
CA GLU B 316 13.93 27.99 6.85
C GLU B 316 14.75 27.07 7.75
N VAL B 317 15.10 25.89 7.29
CA VAL B 317 15.83 25.00 8.15
C VAL B 317 17.26 25.45 8.30
N PHE B 318 17.90 25.72 7.19
CA PHE B 318 19.32 26.08 7.27
C PHE B 318 19.40 27.56 7.07
N GLY B 319 20.26 28.18 7.85
CA GLY B 319 20.29 29.61 7.81
C GLY B 319 21.28 30.06 6.82
N ASP B 320 22.28 30.75 7.31
CA ASP B 320 23.36 31.11 6.46
C ASP B 320 24.26 29.87 6.27
N LYS B 321 23.87 28.75 6.85
CA LYS B 321 24.63 27.52 6.70
C LYS B 321 24.07 26.55 5.68
N SER B 322 23.59 27.01 4.54
CA SER B 322 22.94 26.11 3.59
C SER B 322 23.94 25.12 2.99
N PRO B 323 23.48 23.89 2.70
CA PRO B 323 24.36 22.93 2.00
C PRO B 323 24.02 22.80 0.51
N ALA B 324 24.72 21.95 -0.26
CA ALA B 324 24.51 21.79 -1.70
C ALA B 324 23.29 20.92 -1.98
N ILE B 325 22.63 21.21 -3.10
CA ILE B 325 21.39 20.55 -3.45
C ILE B 325 21.44 20.15 -4.92
N SER B 326 21.01 18.92 -5.23
CA SER B 326 20.65 18.60 -6.60
C SER B 326 19.42 17.71 -6.58
N ALA B 327 18.65 17.78 -7.66
CA ALA B 327 17.49 16.93 -7.88
C ALA B 327 17.83 15.88 -8.93
N THR B 328 18.25 14.70 -8.46
CA THR B 328 18.59 13.62 -9.37
C THR B 328 17.41 13.25 -10.26
N LYS B 329 16.19 13.62 -9.86
CA LYS B 329 15.04 13.35 -10.74
C LYS B 329 15.17 14.10 -12.07
N ALA B 330 15.98 15.16 -12.14
CA ALA B 330 16.23 15.76 -13.44
C ALA B 330 16.86 14.76 -14.41
N MET B 331 17.71 13.85 -13.91
CA MET B 331 18.19 12.73 -14.75
C MET B 331 17.24 11.53 -14.74
N THR B 332 16.70 11.13 -13.59
CA THR B 332 16.05 9.84 -13.45
C THR B 332 14.56 9.86 -13.77
N GLY B 333 13.89 10.99 -13.58
CA GLY B 333 12.45 10.95 -13.59
C GLY B 333 11.98 10.52 -12.21
N HIS B 334 10.70 10.22 -12.10
CA HIS B 334 10.09 10.07 -10.78
C HIS B 334 9.51 8.66 -10.67
N SER B 335 10.20 7.81 -9.92
CA SER B 335 9.80 6.41 -9.74
C SER B 335 8.76 6.20 -8.63
N LEU B 336 8.15 7.28 -8.17
CA LEU B 336 7.09 7.19 -7.17
C LEU B 336 7.48 6.45 -5.87
N GLY B 337 6.90 5.30 -5.63
CA GLY B 337 7.22 4.53 -4.45
C GLY B 337 8.66 4.12 -4.35
N ALA B 338 9.29 3.84 -5.48
CA ALA B 338 10.70 3.49 -5.49
C ALA B 338 11.63 4.69 -5.38
N ALA B 339 11.08 5.89 -5.35
CA ALA B 339 11.92 7.09 -5.37
C ALA B 339 12.78 7.24 -4.14
N GLY B 340 12.17 7.05 -2.99
CA GLY B 340 12.94 7.27 -1.78
C GLY B 340 14.16 6.37 -1.63
N VAL B 341 14.01 5.07 -1.94
CA VAL B 341 15.14 4.14 -1.81
C VAL B 341 16.20 4.43 -2.87
N GLN B 342 15.77 4.73 -4.08
CA GLN B 342 16.73 5.00 -5.15
C GLN B 342 17.57 6.22 -4.81
N GLU B 343 16.91 7.29 -4.33
CA GLU B 343 17.62 8.51 -3.96
C GLU B 343 18.46 8.31 -2.72
N ALA B 344 18.03 7.45 -1.78
CA ALA B 344 18.93 7.08 -0.69
C ALA B 344 20.18 6.41 -1.22
N ILE B 345 20.03 5.59 -2.28
CA ILE B 345 21.20 4.90 -2.82
C ILE B 345 22.08 5.87 -3.60
N TYR B 346 21.48 6.76 -4.42
CA TYR B 346 22.28 7.78 -5.10
C TYR B 346 23.07 8.60 -4.09
N SER B 347 22.42 8.96 -2.98
CA SER B 347 23.11 9.72 -1.93
C SER B 347 24.20 8.87 -1.28
N LEU B 348 23.99 7.57 -1.17
CA LEU B 348 25.01 6.74 -0.54
C LEU B 348 26.22 6.60 -1.44
N LEU B 349 26.00 6.57 -2.76
CA LEU B 349 27.13 6.50 -3.68
C LEU B 349 27.88 7.82 -3.73
N MET B 350 27.18 8.95 -3.58
CA MET B 350 27.88 10.22 -3.51
C MET B 350 28.76 10.26 -2.28
N LEU B 351 28.28 9.69 -1.17
CA LEU B 351 29.06 9.62 0.06
C LEU B 351 30.22 8.65 -0.07
N GLU B 352 29.99 7.49 -0.68
CA GLU B 352 31.04 6.50 -0.80
C GLU B 352 32.12 6.95 -1.78
N HIS B 353 31.73 7.61 -2.86
CA HIS B 353 32.67 7.98 -3.91
C HIS B 353 32.99 9.47 -3.92
N GLY B 354 32.72 10.17 -2.83
CA GLY B 354 33.03 11.57 -2.66
C GLY B 354 32.83 12.49 -3.84
N PHE B 355 31.70 12.50 -4.47
CA PHE B 355 31.26 13.56 -5.36
C PHE B 355 29.84 14.00 -5.08
N ILE B 356 29.44 15.09 -5.74
CA ILE B 356 28.05 15.54 -5.77
C ILE B 356 27.59 15.48 -7.22
N ALA B 357 26.43 14.85 -7.45
CA ALA B 357 25.87 14.78 -8.79
C ALA B 357 25.13 16.05 -9.13
N PRO B 358 24.92 16.32 -10.43
CA PRO B 358 24.31 17.60 -10.82
C PRO B 358 22.82 17.57 -11.07
N SER B 359 22.16 18.67 -10.72
CA SER B 359 20.83 18.96 -11.21
C SER B 359 20.95 19.49 -12.63
N ILE B 360 20.32 18.81 -13.58
CA ILE B 360 20.56 19.04 -14.99
C ILE B 360 19.34 19.70 -15.60
N ASN B 361 19.51 20.22 -16.82
CA ASN B 361 18.45 20.89 -17.60
C ASN B 361 17.94 22.15 -16.91
N ILE B 362 18.78 22.80 -16.10
CA ILE B 362 18.46 24.13 -15.58
C ILE B 362 19.07 25.13 -16.55
N GLU B 363 18.33 25.47 -17.60
CA GLU B 363 18.76 26.56 -18.48
C GLU B 363 18.48 27.92 -17.82
N GLU B 364 17.22 28.18 -17.47
CA GLU B 364 16.83 29.39 -16.74
C GLU B 364 16.32 29.00 -15.36
N LEU B 365 17.05 29.42 -14.33
CA LEU B 365 16.71 29.17 -12.94
C LEU B 365 15.36 29.81 -12.59
N ASP B 366 14.93 29.63 -11.34
CA ASP B 366 13.73 30.26 -10.82
C ASP B 366 14.15 31.29 -9.76
N GLU B 367 13.41 32.40 -9.68
CA GLU B 367 13.81 33.47 -8.77
C GLU B 367 13.84 32.99 -7.32
N GLN B 368 12.87 32.16 -6.93
CA GLN B 368 12.81 31.69 -5.55
C GLN B 368 13.99 30.80 -5.18
N ALA B 369 14.67 30.23 -6.18
CA ALA B 369 15.86 29.42 -5.98
C ALA B 369 17.11 30.24 -5.80
N ALA B 370 16.97 31.53 -5.48
CA ALA B 370 18.12 32.40 -5.35
C ALA B 370 18.83 32.14 -4.02
N GLY B 371 20.11 32.49 -3.99
CA GLY B 371 20.93 32.34 -2.80
C GLY B 371 21.23 30.92 -2.42
N LEU B 372 20.61 29.95 -3.08
CA LEU B 372 20.74 28.53 -2.79
C LEU B 372 21.87 27.92 -3.60
N ASN B 373 22.42 26.83 -3.07
N ASN B 373 22.40 26.80 -3.10
CA ASN B 373 23.59 26.14 -3.63
CA ASN B 373 23.58 26.18 -3.68
C ASN B 373 23.15 24.91 -4.44
C ASN B 373 23.21 24.94 -4.48
N ILE B 374 22.42 25.15 -5.53
CA ILE B 374 22.04 24.10 -6.47
C ILE B 374 23.25 23.74 -7.34
N VAL B 375 23.94 22.65 -6.98
CA VAL B 375 25.09 22.17 -7.73
C VAL B 375 24.64 21.66 -9.08
N THR B 376 25.14 22.27 -10.16
CA THR B 376 24.76 21.89 -11.51
C THR B 376 25.92 21.31 -12.31
N GLU B 377 27.08 21.10 -11.70
CA GLU B 377 28.20 20.38 -12.30
C GLU B 377 28.70 19.36 -11.31
N THR B 378 28.99 18.15 -11.78
CA THR B 378 29.61 17.15 -10.91
C THR B 378 30.79 17.76 -10.19
N THR B 379 30.85 17.54 -8.87
CA THR B 379 31.87 18.17 -8.04
C THR B 379 32.42 17.14 -7.06
N ASP B 380 33.73 16.98 -7.04
CA ASP B 380 34.35 16.07 -6.09
C ASP B 380 34.44 16.75 -4.72
N ARG B 381 33.93 16.10 -3.69
CA ARG B 381 34.04 16.64 -2.35
C ARG B 381 34.00 15.50 -1.33
N GLU B 382 34.85 15.59 -0.32
CA GLU B 382 34.74 14.67 0.81
C GLU B 382 33.46 14.96 1.57
N LEU B 383 32.38 14.25 1.25
CA LEU B 383 31.17 14.34 2.04
C LEU B 383 31.29 13.51 3.31
N THR B 384 30.58 13.92 4.36
CA THR B 384 30.57 13.15 5.59
C THR B 384 29.14 12.87 6.06
N THR B 385 28.22 13.81 5.83
CA THR B 385 26.83 13.72 6.25
C THR B 385 25.97 14.18 5.08
N VAL B 386 25.03 13.32 4.64
CA VAL B 386 24.11 13.65 3.57
C VAL B 386 22.67 13.44 4.04
N MET B 387 21.75 14.08 3.32
CA MET B 387 20.35 14.12 3.69
C MET B 387 19.52 13.94 2.43
N SER B 388 18.46 13.16 2.53
N SER B 388 18.45 13.15 2.53
CA SER B 388 17.56 12.98 1.40
CA SER B 388 17.55 12.92 1.41
C SER B 388 16.13 13.14 1.85
C SER B 388 16.11 13.13 1.86
N ASN B 389 15.31 13.77 1.00
CA ASN B 389 13.93 14.09 1.27
C ASN B 389 13.03 13.32 0.33
N SER B 390 11.85 12.96 0.82
CA SER B 390 10.78 12.46 -0.03
C SER B 390 9.45 12.94 0.54
N PHE B 391 8.57 13.39 -0.36
CA PHE B 391 7.28 13.91 0.05
C PHE B 391 6.20 13.23 -0.73
N GLY B 392 4.87 13.25 -0.34
CA GLY B 392 3.87 12.61 -1.19
C GLY B 392 2.48 13.18 -0.94
N PHE B 393 1.56 12.87 -1.88
CA PHE B 393 0.19 13.34 -1.77
C PHE B 393 -0.32 12.95 -0.39
N GLY B 394 -1.37 13.62 0.07
CA GLY B 394 -1.79 13.44 1.44
C GLY B 394 -0.90 14.10 2.46
N GLY B 395 0.06 14.93 2.03
CA GLY B 395 0.86 15.67 2.97
C GLY B 395 1.80 14.84 3.80
N THR B 396 2.28 13.72 3.28
CA THR B 396 3.19 12.86 4.02
C THR B 396 4.63 13.17 3.67
N ASN B 397 5.50 13.20 4.70
CA ASN B 397 6.88 13.65 4.54
C ASN B 397 7.85 12.71 5.23
N ALA B 398 9.00 12.48 4.59
CA ALA B 398 10.02 11.57 5.06
C ALA B 398 11.41 12.18 4.84
N THR B 399 12.29 12.03 5.83
CA THR B 399 13.65 12.50 5.63
C THR B 399 14.62 11.51 6.26
N LEU B 400 15.71 11.25 5.55
CA LEU B 400 16.79 10.39 6.01
C LEU B 400 18.11 11.13 6.02
N VAL B 401 18.86 10.96 7.10
CA VAL B 401 20.17 11.59 7.24
C VAL B 401 21.19 10.47 7.46
N MET B 402 22.22 10.47 6.63
CA MET B 402 23.17 9.37 6.50
C MET B 402 24.58 9.91 6.65
N ARG B 403 25.38 9.26 7.48
CA ARG B 403 26.70 9.78 7.86
C ARG B 403 27.71 8.64 7.86
N LYS B 404 28.94 8.94 7.47
CA LYS B 404 30.01 7.97 7.64
C LYS B 404 30.26 7.68 9.12
N LEU B 405 30.75 6.49 9.40
CA LEU B 405 31.19 6.18 10.76
C LEU B 405 32.40 7.03 11.17
N SER C 1 -24.88 36.37 -21.62
CA SER C 1 -25.55 37.62 -21.38
C SER C 1 -25.94 37.61 -19.95
N THR C 2 -26.72 36.61 -19.56
CA THR C 2 -27.16 36.43 -18.20
C THR C 2 -28.23 35.55 -18.67
N ILE C 3 -28.21 34.28 -18.30
CA ILE C 3 -29.20 33.32 -18.84
C ILE C 3 -28.82 32.97 -20.25
N GLU C 4 -27.85 33.67 -20.78
CA GLU C 4 -27.33 33.25 -22.03
C GLU C 4 -26.06 32.59 -21.59
N GLU C 5 -25.22 33.31 -20.86
CA GLU C 5 -23.97 32.81 -20.34
C GLU C 5 -23.70 33.16 -18.90
N ARG C 6 -23.75 34.44 -18.58
CA ARG C 6 -23.41 34.85 -17.23
C ARG C 6 -24.17 34.02 -16.17
N VAL C 7 -25.46 33.83 -16.39
CA VAL C 7 -26.23 33.08 -15.39
C VAL C 7 -25.82 31.63 -15.45
N LYS C 8 -25.80 31.06 -16.65
CA LYS C 8 -25.38 29.69 -16.84
C LYS C 8 -24.02 29.43 -16.22
N LYS C 9 -23.02 30.26 -16.53
CA LYS C 9 -21.70 30.13 -15.91
C LYS C 9 -21.88 30.16 -14.45
N ILE C 10 -22.57 31.19 -13.98
CA ILE C 10 -22.81 31.36 -12.56
C ILE C 10 -23.49 30.13 -11.94
N ILE C 11 -24.40 29.49 -12.64
CA ILE C 11 -24.96 28.21 -12.16
C ILE C 11 -23.87 27.15 -12.12
N GLY C 12 -23.21 26.90 -13.25
CA GLY C 12 -22.05 26.02 -13.32
C GLY C 12 -21.14 26.19 -12.11
N GLU C 13 -20.69 27.43 -11.84
CA GLU C 13 -19.70 27.65 -10.79
C GLU C 13 -20.27 27.44 -9.40
N GLN C 14 -21.54 27.81 -9.17
CA GLN C 14 -22.09 27.67 -7.84
C GLN C 14 -22.30 26.19 -7.50
N LEU C 15 -22.70 25.38 -8.48
CA LEU C 15 -22.81 23.95 -8.21
C LEU C 15 -21.44 23.32 -8.03
N GLY C 16 -20.46 23.74 -8.85
CA GLY C 16 -19.11 23.22 -8.75
C GLY C 16 -18.47 23.43 -7.39
N VAL C 17 -18.26 24.68 -6.99
CA VAL C 17 -17.55 24.99 -5.75
C VAL C 17 -18.52 24.93 -4.57
N LYS C 18 -19.75 24.51 -4.84
CA LYS C 18 -20.86 24.46 -3.89
C LYS C 18 -21.59 25.60 -3.18
N GLN C 19 -21.43 26.79 -3.75
CA GLN C 19 -21.55 28.12 -3.18
C GLN C 19 -22.90 28.64 -3.63
N GLU C 20 -23.31 29.75 -3.02
CA GLU C 20 -24.52 30.43 -3.47
C GLU C 20 -24.19 31.87 -3.84
N GLU C 21 -24.80 32.34 -4.93
CA GLU C 21 -24.67 33.72 -5.39
C GLU C 21 -23.21 34.13 -5.56
N VAL C 22 -22.67 33.87 -6.74
CA VAL C 22 -21.26 34.11 -7.02
C VAL C 22 -21.14 35.46 -7.75
N THR C 23 -20.27 36.32 -7.25
CA THR C 23 -20.19 37.68 -7.75
C THR C 23 -19.20 37.77 -8.89
N ASN C 24 -19.46 38.70 -9.80
CA ASN C 24 -18.71 38.77 -11.05
C ASN C 24 -17.21 39.00 -10.79
N ASN C 25 -16.86 39.65 -9.69
CA ASN C 25 -15.45 39.89 -9.36
C ASN C 25 -14.82 38.76 -8.55
N ALA C 26 -15.57 37.74 -8.16
CA ALA C 26 -15.06 36.74 -7.23
C ALA C 26 -13.91 35.93 -7.84
N SER C 27 -12.91 35.65 -7.01
CA SER C 27 -11.85 34.70 -7.35
C SER C 27 -12.21 33.32 -6.81
N PHE C 28 -12.23 32.31 -7.70
CA PHE C 28 -12.51 30.93 -7.30
C PHE C 28 -11.79 30.55 -6.02
N VAL C 29 -10.50 30.85 -5.97
CA VAL C 29 -9.66 30.43 -4.84
C VAL C 29 -9.77 31.42 -3.69
N GLU C 30 -9.64 32.71 -3.97
CA GLU C 30 -9.61 33.71 -2.91
C GLU C 30 -10.98 34.01 -2.32
N ASP C 31 -12.07 33.72 -3.02
CA ASP C 31 -13.37 34.14 -2.54
C ASP C 31 -14.34 32.98 -2.43
N LEU C 32 -14.24 32.01 -3.34
CA LEU C 32 -15.21 30.94 -3.45
C LEU C 32 -14.74 29.62 -2.87
N GLY C 33 -13.57 29.60 -2.23
CA GLY C 33 -13.16 28.41 -1.48
C GLY C 33 -12.67 27.26 -2.32
N ALA C 34 -12.01 27.54 -3.43
CA ALA C 34 -11.59 26.50 -4.36
C ALA C 34 -10.07 26.31 -4.29
N ASP C 35 -9.61 25.21 -4.87
CA ASP C 35 -8.19 24.99 -5.10
C ASP C 35 -7.98 24.57 -6.55
N SER C 36 -6.72 24.24 -6.85
CA SER C 36 -6.30 23.83 -8.18
C SER C 36 -7.23 22.79 -8.76
N LEU C 37 -7.48 21.73 -8.01
CA LEU C 37 -8.25 20.62 -8.57
C LEU C 37 -9.73 20.96 -8.73
N ASP C 38 -10.32 21.70 -7.77
CA ASP C 38 -11.67 22.24 -7.99
C ASP C 38 -11.75 22.96 -9.32
N THR C 39 -10.79 23.86 -9.59
CA THR C 39 -10.82 24.63 -10.83
C THR C 39 -10.60 23.76 -12.05
N VAL C 40 -9.68 22.79 -11.96
CA VAL C 40 -9.57 21.78 -13.02
C VAL C 40 -10.94 21.18 -13.29
N GLU C 41 -11.64 20.81 -12.22
CA GLU C 41 -12.97 20.22 -12.36
C GLU C 41 -14.00 21.22 -12.87
N LEU C 42 -13.85 22.49 -12.47
CA LEU C 42 -14.80 23.51 -12.92
C LEU C 42 -14.65 23.76 -14.42
N VAL C 43 -13.43 23.74 -14.93
CA VAL C 43 -13.21 23.85 -16.37
C VAL C 43 -13.93 22.72 -17.11
N MET C 44 -13.83 21.48 -16.61
CA MET C 44 -14.57 20.37 -17.22
C MET C 44 -16.06 20.66 -17.26
N ALA C 45 -16.60 21.18 -16.16
CA ALA C 45 -18.03 21.41 -16.10
C ALA C 45 -18.45 22.50 -17.07
N LEU C 46 -17.63 23.54 -17.22
CA LEU C 46 -17.97 24.57 -18.20
C LEU C 46 -17.88 24.04 -19.62
N GLU C 47 -17.10 22.98 -19.84
CA GLU C 47 -17.00 22.34 -21.15
C GLU C 47 -18.22 21.49 -21.47
N GLU C 48 -18.73 20.75 -20.48
CA GLU C 48 -19.98 20.01 -20.69
C GLU C 48 -21.14 20.97 -20.95
N GLU C 49 -21.22 22.06 -20.19
CA GLU C 49 -22.38 22.95 -20.28
C GLU C 49 -22.49 23.64 -21.63
N PHE C 50 -21.37 23.85 -22.32
CA PHE C 50 -21.38 24.60 -23.57
C PHE C 50 -20.84 23.80 -24.75
N ASP C 51 -20.59 22.50 -24.58
CA ASP C 51 -20.19 21.62 -25.69
C ASP C 51 -19.00 22.20 -26.44
N THR C 52 -17.93 22.45 -25.68
CA THR C 52 -16.74 23.06 -26.21
C THR C 52 -15.55 22.59 -25.39
N GLU C 53 -14.39 22.57 -26.03
CA GLU C 53 -13.14 22.22 -25.36
C GLU C 53 -12.32 23.49 -25.20
N ILE C 54 -11.97 23.83 -23.95
CA ILE C 54 -11.25 25.07 -23.65
C ILE C 54 -9.76 24.78 -23.74
N PRO C 55 -9.00 25.52 -24.56
CA PRO C 55 -7.56 25.27 -24.68
C PRO C 55 -6.85 25.37 -23.34
N ASP C 56 -5.71 24.67 -23.26
CA ASP C 56 -4.89 24.68 -22.04
C ASP C 56 -4.43 26.10 -21.69
N GLU C 57 -3.93 26.85 -22.67
CA GLU C 57 -3.42 28.18 -22.36
C GLU C 57 -4.54 29.08 -21.89
N GLU C 58 -5.75 28.83 -22.37
CA GLU C 58 -6.90 29.63 -21.97
C GLU C 58 -7.43 29.19 -20.61
N ALA C 59 -7.63 27.88 -20.43
CA ALA C 59 -8.11 27.37 -19.15
C ALA C 59 -7.20 27.78 -18.01
N GLU C 60 -5.89 27.89 -18.28
CA GLU C 60 -4.97 28.39 -17.26
C GLU C 60 -5.41 29.74 -16.72
N LYS C 61 -6.00 30.60 -17.57
CA LYS C 61 -6.38 31.94 -17.18
C LYS C 61 -7.75 32.01 -16.49
N ILE C 62 -8.54 30.93 -16.54
CA ILE C 62 -9.88 30.98 -15.98
C ILE C 62 -9.83 30.73 -14.47
N THR C 63 -9.63 31.81 -13.71
CA THR C 63 -9.54 31.73 -12.26
C THR C 63 -10.49 32.67 -11.52
N THR C 64 -11.29 33.46 -12.24
CA THR C 64 -12.31 34.31 -11.65
C THR C 64 -13.62 34.11 -12.39
N VAL C 65 -14.70 34.58 -11.78
CA VAL C 65 -16.02 34.40 -12.38
C VAL C 65 -16.10 35.12 -13.72
N GLN C 66 -15.52 36.33 -13.80
CA GLN C 66 -15.51 37.08 -15.05
C GLN C 66 -14.67 36.40 -16.11
N ALA C 67 -13.48 35.89 -15.71
CA ALA C 67 -12.66 35.15 -16.67
C ALA C 67 -13.42 33.99 -17.30
N ALA C 68 -14.37 33.41 -16.56
CA ALA C 68 -15.17 32.34 -17.11
C ALA C 68 -16.21 32.88 -18.10
N ILE C 69 -16.94 33.92 -17.71
CA ILE C 69 -17.95 34.50 -18.59
C ILE C 69 -17.27 35.12 -19.82
N ASP C 70 -16.18 35.87 -19.60
CA ASP C 70 -15.47 36.50 -20.71
C ASP C 70 -15.00 35.47 -21.73
N TYR C 71 -14.55 34.29 -21.27
CA TYR C 71 -14.10 33.28 -22.21
C TYR C 71 -15.26 32.71 -23.03
N ILE C 72 -16.35 32.34 -22.39
CA ILE C 72 -17.46 31.72 -23.11
C ILE C 72 -18.17 32.74 -24.00
N ASN C 73 -18.39 33.95 -23.51
CA ASN C 73 -19.01 35.00 -24.37
C ASN C 73 -18.08 35.42 -25.51
N GLY C 74 -16.77 35.57 -25.25
CA GLY C 74 -15.84 36.12 -26.26
C GLY C 74 -15.31 35.13 -27.28
N HIS C 75 -15.88 33.91 -27.32
N HIS C 75 -15.78 33.88 -27.27
CA HIS C 75 -15.43 32.87 -28.30
CA HIS C 75 -15.33 32.89 -28.27
C HIS C 75 -16.59 32.02 -28.91
C HIS C 75 -16.55 32.19 -28.88
N GLN C 76 -16.44 30.68 -29.01
N GLN C 76 -17.69 32.87 -28.92
CA GLN C 76 -17.35 29.79 -29.80
CA GLN C 76 -18.88 32.32 -29.58
C GLN C 76 -18.37 28.83 -29.10
C GLN C 76 -18.66 32.38 -31.10
N ALA C 77 -19.32 28.27 -29.89
N ALA C 77 -19.03 31.32 -31.82
CA ALA C 77 -20.36 27.27 -29.48
CA ALA C 77 -18.91 31.34 -33.29
C ALA C 77 -21.71 27.94 -29.16
C ALA C 77 -20.10 32.11 -33.90
N SER D 1 2.27 -29.27 -34.31
CA SER D 1 1.86 -29.63 -32.95
C SER D 1 0.52 -30.36 -32.94
N THR D 2 0.55 -31.61 -32.47
CA THR D 2 -0.67 -32.37 -32.21
C THR D 2 -1.13 -32.10 -30.78
N ILE D 3 -2.28 -32.69 -30.43
CA ILE D 3 -2.83 -32.61 -29.07
C ILE D 3 -1.69 -32.77 -28.07
N GLU D 4 -0.90 -33.84 -28.23
CA GLU D 4 0.18 -34.11 -27.28
C GLU D 4 1.19 -32.97 -27.22
N GLU D 5 1.62 -32.47 -28.38
CA GLU D 5 2.67 -31.45 -28.36
C GLU D 5 2.19 -30.15 -27.74
N ARG D 6 0.94 -29.76 -28.03
CA ARG D 6 0.39 -28.57 -27.40
C ARG D 6 0.24 -28.74 -25.89
N VAL D 7 -0.23 -29.92 -25.46
CA VAL D 7 -0.43 -30.19 -24.03
C VAL D 7 0.88 -30.11 -23.28
N LYS D 8 1.96 -30.67 -23.84
CA LYS D 8 3.25 -30.66 -23.15
C LYS D 8 3.90 -29.29 -23.15
N LYS D 9 3.62 -28.46 -24.17
CA LYS D 9 4.18 -27.11 -24.13
C LYS D 9 3.53 -26.29 -23.02
N ILE D 10 2.21 -26.38 -22.89
CA ILE D 10 1.50 -25.71 -21.81
C ILE D 10 2.07 -26.14 -20.47
N ILE D 11 2.06 -27.45 -20.22
CA ILE D 11 2.58 -27.97 -18.96
C ILE D 11 3.99 -27.45 -18.73
N GLY D 12 4.83 -27.52 -19.77
CA GLY D 12 6.23 -27.18 -19.60
C GLY D 12 6.46 -25.72 -19.24
N GLU D 13 5.82 -24.81 -19.96
CA GLU D 13 6.03 -23.41 -19.68
C GLU D 13 5.52 -23.03 -18.30
N GLN D 14 4.37 -23.58 -17.88
CA GLN D 14 3.79 -23.14 -16.62
C GLN D 14 4.50 -23.71 -15.41
N LEU D 15 4.98 -24.95 -15.49
CA LEU D 15 5.67 -25.54 -14.37
C LEU D 15 7.17 -25.26 -14.40
N GLY D 16 7.65 -24.58 -15.44
CA GLY D 16 9.04 -24.18 -15.53
C GLY D 16 9.98 -25.33 -15.77
N VAL D 17 9.58 -26.27 -16.63
CA VAL D 17 10.31 -27.51 -16.86
C VAL D 17 10.50 -27.69 -18.35
N LYS D 18 11.68 -28.17 -18.73
CA LYS D 18 12.03 -28.32 -20.14
C LYS D 18 11.10 -29.35 -20.80
N GLN D 19 10.64 -29.02 -22.00
CA GLN D 19 9.64 -29.85 -22.69
C GLN D 19 10.26 -31.15 -23.17
N GLU D 20 10.83 -31.92 -22.24
CA GLU D 20 11.37 -33.25 -22.49
C GLU D 20 11.39 -33.96 -21.15
N GLU D 21 11.34 -33.18 -20.08
CA GLU D 21 11.10 -33.73 -18.77
C GLU D 21 9.60 -33.86 -18.51
N VAL D 22 8.77 -33.55 -19.51
CA VAL D 22 7.33 -33.79 -19.43
C VAL D 22 7.03 -35.20 -19.93
N THR D 23 7.35 -36.20 -19.11
CA THR D 23 7.00 -37.58 -19.40
C THR D 23 5.48 -37.72 -19.52
N ASN D 24 5.03 -38.63 -20.38
CA ASN D 24 3.60 -38.87 -20.53
C ASN D 24 2.94 -39.40 -19.25
N ASN D 25 3.68 -40.15 -18.42
CA ASN D 25 3.13 -40.69 -17.20
C ASN D 25 3.59 -39.91 -15.99
N ALA D 26 4.06 -38.68 -16.20
CA ALA D 26 4.44 -37.85 -15.07
C ALA D 26 3.20 -37.28 -14.41
N SER D 27 3.22 -37.26 -13.08
CA SER D 27 2.18 -36.61 -12.29
C SER D 27 2.55 -35.15 -12.08
N PHE D 28 1.62 -34.26 -12.42
CA PHE D 28 1.80 -32.83 -12.15
C PHE D 28 2.30 -32.60 -10.73
N VAL D 29 1.66 -33.22 -9.75
CA VAL D 29 1.96 -32.91 -8.36
C VAL D 29 3.21 -33.64 -7.90
N GLU D 30 3.30 -34.95 -8.15
CA GLU D 30 4.42 -35.74 -7.65
C GLU D 30 5.69 -35.53 -8.45
N ASP D 31 5.57 -35.45 -9.78
CA ASP D 31 6.74 -35.45 -10.67
C ASP D 31 7.12 -34.07 -11.21
N LEU D 32 6.16 -33.16 -11.42
CA LEU D 32 6.48 -31.88 -12.03
C LEU D 32 6.30 -30.69 -11.08
N GLY D 33 6.11 -30.94 -9.79
CA GLY D 33 6.10 -29.86 -8.81
C GLY D 33 4.96 -28.88 -8.89
N ALA D 34 3.83 -29.25 -9.45
CA ALA D 34 2.69 -28.37 -9.44
C ALA D 34 2.14 -28.25 -8.01
N ASP D 35 1.73 -27.03 -7.63
CA ASP D 35 0.92 -26.89 -6.44
C ASP D 35 -0.52 -26.60 -6.82
N SER D 36 -1.36 -26.33 -5.81
CA SER D 36 -2.79 -26.16 -6.06
C SER D 36 -3.09 -24.98 -6.98
N LEU D 37 -2.30 -23.90 -6.94
CA LEU D 37 -2.58 -22.81 -7.88
C LEU D 37 -2.04 -23.09 -9.28
N ASP D 38 -0.93 -23.83 -9.38
CA ASP D 38 -0.54 -24.38 -10.68
C ASP D 38 -1.64 -25.23 -11.28
N THR D 39 -2.32 -26.01 -10.43
CA THR D 39 -3.39 -26.90 -10.88
C THR D 39 -4.54 -26.10 -11.46
N VAL D 40 -4.86 -24.97 -10.84
CA VAL D 40 -5.91 -24.10 -11.36
C VAL D 40 -5.49 -23.54 -12.71
N GLU D 41 -4.27 -23.03 -12.80
CA GLU D 41 -3.81 -22.39 -14.01
C GLU D 41 -3.65 -23.37 -15.17
N LEU D 42 -3.15 -24.58 -14.89
CA LEU D 42 -2.97 -25.57 -15.95
C LEU D 42 -4.31 -25.95 -16.55
N VAL D 43 -5.29 -26.26 -15.71
CA VAL D 43 -6.62 -26.60 -16.20
C VAL D 43 -7.22 -25.43 -16.97
N MET D 44 -7.03 -24.20 -16.46
N MET D 44 -6.99 -24.20 -16.50
CA MET D 44 -7.48 -23.00 -17.18
CA MET D 44 -7.55 -23.07 -17.21
C MET D 44 -6.87 -22.95 -18.57
C MET D 44 -6.86 -22.86 -18.57
N ALA D 45 -5.56 -23.17 -18.67
CA ALA D 45 -4.88 -23.00 -19.95
C ALA D 45 -5.30 -24.09 -20.92
N LEU D 46 -5.43 -25.32 -20.43
CA LEU D 46 -5.85 -26.41 -21.30
C LEU D 46 -7.25 -26.14 -21.84
N GLU D 47 -8.17 -25.77 -20.93
CA GLU D 47 -9.53 -25.37 -21.33
C GLU D 47 -9.51 -24.35 -22.46
N GLU D 48 -8.65 -23.33 -22.37
CA GLU D 48 -8.61 -22.31 -23.41
C GLU D 48 -7.97 -22.84 -24.68
N GLU D 49 -6.94 -23.68 -24.57
CA GLU D 49 -6.20 -24.13 -25.74
C GLU D 49 -7.05 -25.00 -26.65
N PHE D 50 -7.99 -25.76 -26.09
CA PHE D 50 -8.75 -26.76 -26.83
C PHE D 50 -10.26 -26.51 -26.76
N ASP D 51 -10.68 -25.34 -26.29
CA ASP D 51 -12.09 -24.95 -26.14
C ASP D 51 -12.94 -25.98 -25.38
N THR D 52 -12.33 -26.92 -24.67
CA THR D 52 -13.10 -27.86 -23.88
C THR D 52 -13.26 -27.33 -22.46
N GLU D 53 -14.39 -27.64 -21.83
CA GLU D 53 -14.58 -27.37 -20.42
C GLU D 53 -14.24 -28.61 -19.62
N ILE D 54 -13.60 -28.41 -18.47
CA ILE D 54 -13.16 -29.48 -17.60
C ILE D 54 -13.75 -29.26 -16.22
N PRO D 55 -14.86 -29.92 -15.90
CA PRO D 55 -15.46 -29.78 -14.56
C PRO D 55 -14.46 -30.14 -13.48
N ASP D 56 -14.70 -29.59 -12.28
CA ASP D 56 -13.84 -29.91 -11.14
C ASP D 56 -13.78 -31.42 -10.92
N GLU D 57 -14.92 -32.09 -11.03
CA GLU D 57 -14.99 -33.54 -10.92
C GLU D 57 -13.97 -34.22 -11.86
N GLU D 58 -13.86 -33.74 -13.10
CA GLU D 58 -12.91 -34.32 -14.03
C GLU D 58 -11.49 -33.89 -13.71
N ALA D 59 -11.30 -32.62 -13.31
CA ALA D 59 -9.96 -32.10 -13.12
C ALA D 59 -9.22 -32.82 -12.00
N GLU D 60 -9.93 -33.26 -10.94
CA GLU D 60 -9.30 -34.04 -9.88
C GLU D 60 -8.83 -35.41 -10.39
N LYS D 61 -9.54 -35.96 -11.37
CA LYS D 61 -9.21 -37.26 -11.95
C LYS D 61 -7.95 -37.21 -12.82
N ILE D 62 -7.61 -36.03 -13.34
CA ILE D 62 -6.46 -35.87 -14.23
C ILE D 62 -5.24 -35.64 -13.35
N THR D 63 -4.44 -36.68 -13.17
CA THR D 63 -3.23 -36.57 -12.35
C THR D 63 -1.97 -36.59 -13.19
N THR D 64 -2.07 -36.99 -14.47
CA THR D 64 -0.93 -37.21 -15.33
C THR D 64 -1.10 -36.51 -16.67
N VAL D 65 0.04 -36.25 -17.29
CA VAL D 65 0.09 -35.71 -18.65
C VAL D 65 -0.76 -36.54 -19.59
N GLN D 66 -0.60 -37.88 -19.52
CA GLN D 66 -1.37 -38.76 -20.39
C GLN D 66 -2.85 -38.69 -20.08
N ALA D 67 -3.22 -38.62 -18.80
CA ALA D 67 -4.64 -38.46 -18.49
C ALA D 67 -5.18 -37.15 -19.06
N ALA D 68 -4.38 -36.07 -18.98
CA ALA D 68 -4.78 -34.83 -19.65
C ALA D 68 -4.88 -35.04 -21.17
N ILE D 69 -3.80 -35.54 -21.78
CA ILE D 69 -3.84 -35.81 -23.22
C ILE D 69 -5.02 -36.72 -23.55
N ASP D 70 -5.29 -37.73 -22.70
CA ASP D 70 -6.42 -38.61 -22.96
C ASP D 70 -7.75 -37.91 -22.75
N TYR D 71 -7.82 -36.95 -21.82
CA TYR D 71 -9.08 -36.25 -21.60
C TYR D 71 -9.42 -35.36 -22.78
N ILE D 72 -8.42 -34.63 -23.31
CA ILE D 72 -8.67 -33.75 -24.44
C ILE D 72 -9.07 -34.56 -25.67
N ASN D 73 -8.42 -35.71 -25.89
CA ASN D 73 -8.72 -36.52 -27.06
C ASN D 73 -10.18 -36.97 -27.07
N GLY D 74 -10.69 -37.33 -25.90
CA GLY D 74 -12.05 -37.87 -25.87
C GLY D 74 -13.13 -36.92 -25.42
N HIS D 75 -13.07 -35.65 -25.79
CA HIS D 75 -14.22 -34.75 -25.47
C HIS D 75 -14.58 -34.00 -26.75
N GLN D 76 -13.58 -33.74 -27.60
CA GLN D 76 -13.85 -33.14 -28.92
C GLN D 76 -12.66 -33.49 -29.81
C2 G7U E . -1.07 5.32 -8.30
C3 G7U E . -0.19 5.41 -7.06
C4 G7U E . 0.81 6.55 -7.14
C1 G7U E . -2.11 4.23 -8.26
C10 G7U E . 3.96 11.40 -6.10
C11 G7U E . 4.26 12.84 -6.56
C12 G7U E . 5.01 13.61 -5.49
C13 G7U E . 4.89 15.06 -3.57
C14 G7U E . 4.83 16.56 -3.58
C15 G7U E . 5.09 17.98 -5.60
C16 G7U E . 3.70 18.53 -5.43
C17 G7U E . 2.80 18.17 -6.60
C18 G7U E . 1.35 19.71 -7.85
C19 G7U E . 0.28 20.78 -7.75
C20 G7U E . -1.11 20.29 -8.26
C21 G7U E . -2.00 20.17 -7.03
C22 G7U E . -1.05 18.91 -8.92
C23 G7U E . -1.71 21.24 -9.28
C5 G7U E . 1.30 7.02 -5.78
C6 G7U E . 2.16 8.27 -5.74
C7 G7U E . 1.44 9.51 -6.25
C8 G7U E . 1.53 10.77 -5.42
C9 G7U E . 2.89 11.27 -5.03
N1 G7U E . 4.28 14.42 -4.73
N2 G7U E . 5.56 17.10 -4.71
N3 G7U E . 1.66 19.08 -6.72
O1 G7U E . 3.12 11.55 -3.87
O1P G7U E . -2.42 24.20 -9.24
O2 G7U E . 3.08 13.56 -6.89
O3 G7U E . 6.24 13.48 -5.39
O4 G7U E . 5.80 18.36 -6.53
O5 G7U E . 1.93 19.51 -8.91
O6 G7U E . 0.16 21.17 -6.40
O7 G7U E . -2.93 21.81 -8.76
O2P G7U E . -1.98 23.26 -6.86
P1 G7U E . -2.88 23.29 -8.09
C2 G7U F . -6.68 -6.73 -4.12
C3 G7U F . -5.87 -7.31 -2.96
C4 G7U F . -6.40 -6.95 -1.59
C1 G7U F . -6.27 -7.25 -5.47
C10 G7U F . -6.59 -12.26 2.45
C11 G7U F . -6.87 -13.76 2.61
C12 G7U F . -6.17 -14.30 3.87
C13 G7U F . -4.49 -15.70 4.87
C14 G7U F . -5.11 -16.92 5.50
C15 G7U F . -5.89 -18.96 4.39
C16 G7U F . -5.58 -20.07 3.41
C17 G7U F . -5.43 -19.50 2.01
C18 G7U F . -5.86 -21.41 0.52
C19 G7U F . -5.28 -22.30 -0.57
C20 G7U F . -5.83 -21.96 -2.00
C21 G7U F . -5.72 -20.46 -2.27
C22 G7U F . -7.30 -22.37 -2.11
C23 G7U F . -5.02 -22.71 -3.04
C5 G7U F . -5.63 -7.61 -0.45
C6 G7U F . -5.36 -9.10 -0.62
C7 G7U F . -5.36 -9.84 0.72
C8 G7U F . -5.01 -11.31 0.64
C9 G7U F . -5.18 -12.00 1.96
N1 G7U F . -5.23 -15.23 3.71
N2 G7U F . -4.94 -18.04 4.60
N3 G7U F . -5.04 -20.50 1.03
O1 G7U F . -4.21 -12.33 2.62
O1P G7U F . -4.32 -26.34 -1.98
O2 G7U F . -6.51 -14.44 1.42
O3 G7U F . -6.49 -13.87 4.98
O4 G7U F . -6.98 -18.91 4.98
O5 G7U F . -7.03 -21.57 0.88
O6 G7U F . -3.87 -22.14 -0.59
O7 G7U F . -5.12 -24.12 -2.71
O2P G7U F . -2.83 -24.36 -1.55
P1 G7U F . -3.78 -25.02 -2.55
#